data_7VE3
#
_entry.id   7VE3
#
_cell.length_a   53.942
_cell.length_b   80.179
_cell.length_c   76.122
_cell.angle_alpha   90.000
_cell.angle_beta   102.860
_cell.angle_gamma   90.000
#
_symmetry.space_group_name_H-M   'P 1 21 1'
#
loop_
_entity.id
_entity.type
_entity.pdbx_description
1 polymer Lactoperoxidase
2 non-polymer 'PROTOPORPHYRIN IX CONTAINING FE'
3 non-polymer 'CALCIUM ION'
4 non-polymer 2-acetamido-2-deoxy-beta-D-glucopyranose
5 non-polymer 'IODIDE ION'
6 non-polymer 'SULFATE ION'
7 non-polymer 'hypoiodous acid'
8 water water
#
_entity_poly.entity_id   1
_entity_poly.type   'polypeptide(L)'
_entity_poly.pdbx_seq_one_letter_code
;SWEVGCGAPVPLVKCDENSPYRTITGDCNNRRSPALGAANRALARWLPAEYEDGLAVPFGWTQRKTRNGFRVPLAREVSN
KIVGYLDEEGVLDQNRSLLFMQWGQIVDHDLDFAPETELGSSEHSKVQCEEYCIQGDNCFPIMFPKNDPKLKTQGKCMPF
FRAGFVCPTPPYQSLARDQINSVTSFLDASLVYGSEPSLASRLRNLSSPLGLMAVNQEAWDHGLAYPPFNNMKPSPCEFI
NTTARVPCFQAGDSRASEQILLATVHTLLLREHNRLARELKRLNPHWDGEKLYQEARKILGAFIQIITFRDYLPIVLGSE
MQKWIPRYQGYNNSVDPRISNVFTFAFRFGHMEVPSTVSRLDENYQPRGPEAELPLHTLFFNTWRIIKDGGIDPLVRGLL
AKKSKLMNQNKMVTSELRNKLFQPTHKIHGFDLAAINLQRCRDHGMPGYNSWRGFCGLSQPKTLKGLQAVLKNKILAKKL
LDLYKTPDNIDIWIGGNAEPMVERGRVGPLLACLLGRQFQQIRDGDRFWWENPGVFTEKQRDSLQKVSFSRLICDNTHIT
KVPLHAFQANNYPHDFVDCSAIDKLDLSPWASREN
;
_entity_poly.pdbx_strand_id   A
#
loop_
_chem_comp.id
_chem_comp.type
_chem_comp.name
_chem_comp.formula
61D non-polymer 'hypoiodous acid' 'H I O'
CA non-polymer 'CALCIUM ION' 'Ca 2'
HEM non-polymer 'PROTOPORPHYRIN IX CONTAINING FE' 'C34 H32 Fe N4 O4'
IOD non-polymer 'IODIDE ION' 'I -1'
NAG D-saccharide, beta linking 2-acetamido-2-deoxy-beta-D-glucopyranose 'C8 H15 N O6'
SO4 non-polymer 'SULFATE ION' 'O4 S -2'
#
# COMPACT_ATOMS: atom_id res chain seq x y z
N SER A 1 30.31 -19.61 -2.14
CA SER A 1 31.40 -18.92 -2.89
C SER A 1 30.81 -17.85 -3.80
N TRP A 2 29.88 -18.25 -4.67
CA TRP A 2 29.28 -17.40 -5.69
C TRP A 2 27.91 -16.84 -5.27
N GLU A 3 27.47 -17.19 -4.06
CA GLU A 3 26.21 -16.73 -3.48
C GLU A 3 25.01 -16.92 -4.41
N VAL A 4 24.86 -18.16 -4.92
CA VAL A 4 23.75 -18.57 -5.77
C VAL A 4 22.42 -18.11 -5.17
N GLY A 5 22.26 -18.32 -3.84
CA GLY A 5 21.09 -17.84 -3.11
C GLY A 5 21.38 -17.67 -1.62
N CYS A 6 20.58 -16.83 -0.95
CA CYS A 6 20.70 -16.65 0.49
C CYS A 6 19.50 -17.22 1.24
N GLY A 7 18.55 -17.82 0.50
CA GLY A 7 17.31 -18.33 1.13
C GLY A 7 17.27 -19.73 1.72
N ALA A 8 17.94 -19.98 2.85
CA ALA A 8 17.85 -21.25 3.56
C ALA A 8 16.41 -21.51 4.02
N PRO A 9 15.72 -20.51 4.64
CA PRO A 9 14.31 -20.62 4.99
C PRO A 9 13.41 -20.63 3.75
N VAL A 10 12.20 -21.19 3.88
CA VAL A 10 11.21 -21.29 2.80
C VAL A 10 11.81 -21.97 1.56
N PRO A 11 12.32 -23.23 1.63
CA PRO A 11 12.76 -23.94 0.42
C PRO A 11 11.63 -24.62 -0.35
N LEU A 12 10.53 -24.91 0.37
CA LEU A 12 9.40 -25.67 -0.15
C LEU A 12 8.90 -24.98 -1.41
N VAL A 13 8.80 -25.75 -2.49
CA VAL A 13 8.28 -25.38 -3.78
C VAL A 13 7.92 -26.74 -4.39
N LYS A 14 6.68 -26.85 -4.86
CA LYS A 14 6.27 -27.90 -5.78
C LYS A 14 5.48 -27.15 -6.82
N CYS A 15 5.94 -27.21 -8.07
CA CYS A 15 5.27 -26.51 -9.14
C CYS A 15 4.48 -27.50 -9.99
N ASP A 16 3.17 -27.55 -9.72
CA ASP A 16 2.22 -28.17 -10.61
C ASP A 16 2.38 -27.32 -11.86
N GLU A 17 2.56 -28.01 -12.99
CA GLU A 17 3.03 -27.36 -14.21
C GLU A 17 1.79 -27.02 -15.03
N ASN A 18 0.71 -27.78 -14.78
CA ASN A 18 -0.55 -27.67 -15.48
C ASN A 18 -1.58 -26.88 -14.68
N SER A 19 -1.18 -26.31 -13.53
CA SER A 19 -2.06 -25.63 -12.60
C SER A 19 -2.67 -24.42 -13.30
N PRO A 20 -4.02 -24.29 -13.27
CA PRO A 20 -4.68 -23.13 -13.88
C PRO A 20 -4.87 -21.96 -12.90
N TYR A 21 -4.21 -22.03 -11.73
CA TYR A 21 -4.32 -21.01 -10.70
C TYR A 21 -2.94 -20.58 -10.19
N ARG A 22 -2.82 -19.28 -9.88
CA ARG A 22 -1.69 -18.75 -9.13
C ARG A 22 -1.63 -19.48 -7.79
N THR A 23 -0.42 -19.61 -7.23
CA THR A 23 -0.29 -20.07 -5.85
C THR A 23 -0.57 -18.90 -4.91
N ILE A 24 -0.83 -19.20 -3.64
CA ILE A 24 -1.04 -18.18 -2.63
C ILE A 24 0.27 -17.44 -2.37
N THR A 25 1.41 -18.13 -2.53
CA THR A 25 2.71 -17.56 -2.19
C THR A 25 3.40 -16.97 -3.43
N GLY A 26 2.73 -17.07 -4.59
CA GLY A 26 3.19 -16.46 -5.83
C GLY A 26 4.39 -17.17 -6.45
N ASP A 27 4.81 -18.28 -5.80
CA ASP A 27 5.74 -19.27 -6.32
C ASP A 27 5.12 -19.95 -7.53
N CYS A 28 5.98 -20.29 -8.51
CA CYS A 28 5.62 -21.04 -9.71
C CYS A 28 4.87 -20.16 -10.71
N ASN A 29 5.06 -18.83 -10.62
CA ASN A 29 4.54 -17.93 -11.65
C ASN A 29 5.48 -18.01 -12.84
N ASN A 30 6.77 -17.79 -12.57
CA ASN A 30 7.82 -17.95 -13.55
C ASN A 30 8.28 -19.40 -13.48
N ARG A 31 8.67 -19.96 -14.63
CA ARG A 31 8.96 -21.38 -14.75
C ARG A 31 10.46 -21.64 -14.64
N ARG A 32 11.27 -20.81 -15.32
CA ARG A 32 12.71 -21.00 -15.30
C ARG A 32 13.24 -20.73 -13.90
N SER A 33 12.71 -19.67 -13.27
CA SER A 33 13.10 -19.22 -11.95
C SER A 33 11.84 -19.09 -11.07
N PRO A 34 11.33 -20.20 -10.51
CA PRO A 34 10.00 -20.21 -9.90
C PRO A 34 9.77 -19.37 -8.64
N ALA A 35 10.85 -18.87 -8.02
CA ALA A 35 10.78 -18.06 -6.81
C ALA A 35 10.57 -16.57 -7.11
N LEU A 36 10.79 -16.16 -8.37
CA LEU A 36 10.63 -14.76 -8.80
C LEU A 36 9.21 -14.28 -8.55
N GLY A 37 9.09 -13.22 -7.73
CA GLY A 37 7.85 -12.51 -7.48
C GLY A 37 6.98 -13.23 -6.46
N ALA A 38 7.64 -13.95 -5.55
CA ALA A 38 6.95 -14.74 -4.54
C ALA A 38 7.21 -14.13 -3.16
N ALA A 39 6.25 -14.34 -2.25
CA ALA A 39 6.29 -13.77 -0.92
C ALA A 39 7.43 -14.41 -0.10
N ASN A 40 8.03 -13.64 0.83
CA ASN A 40 9.11 -14.15 1.74
C ASN A 40 10.50 -14.12 1.09
N ARG A 41 10.62 -13.65 -0.14
CA ARG A 41 11.92 -13.45 -0.78
C ARG A 41 12.34 -11.98 -0.62
N ALA A 42 13.64 -11.70 -0.87
CA ALA A 42 14.22 -10.38 -0.75
C ALA A 42 13.61 -9.43 -1.78
N LEU A 43 13.41 -8.16 -1.40
CA LEU A 43 13.05 -7.11 -2.34
C LEU A 43 14.15 -7.03 -3.39
N ALA A 44 13.81 -6.65 -4.61
CA ALA A 44 14.80 -6.57 -5.68
C ALA A 44 15.63 -5.29 -5.55
N ARG A 45 16.89 -5.37 -5.96
CA ARG A 45 17.78 -4.21 -5.97
C ARG A 45 18.00 -3.77 -7.41
N TRP A 46 17.33 -2.68 -7.82
CA TRP A 46 17.60 -2.07 -9.12
C TRP A 46 18.97 -1.39 -9.14
N LEU A 47 19.40 -0.85 -7.98
CA LEU A 47 20.75 -0.36 -7.76
C LEU A 47 21.31 -0.97 -6.47
N PRO A 48 22.65 -1.09 -6.33
CA PRO A 48 23.28 -1.60 -5.09
C PRO A 48 22.93 -0.79 -3.86
N ALA A 49 22.70 -1.50 -2.74
CA ALA A 49 22.38 -0.87 -1.46
C ALA A 49 23.54 0.01 -1.01
N GLU A 50 23.21 1.21 -0.57
CA GLU A 50 24.18 2.13 0.01
C GLU A 50 23.99 2.16 1.52
N TYR A 51 24.91 1.48 2.20
CA TYR A 51 25.01 1.42 3.65
C TYR A 51 26.23 2.20 4.10
N GLU A 52 26.18 2.70 5.34
CA GLU A 52 27.30 3.32 6.03
C GLU A 52 28.55 2.45 5.87
N ASP A 53 28.46 1.19 6.31
CA ASP A 53 29.57 0.25 6.33
C ASP A 53 29.54 -0.60 5.05
N GLY A 54 28.73 -0.16 4.09
CA GLY A 54 28.60 -0.82 2.79
C GLY A 54 27.97 -2.21 2.89
N LEU A 55 27.47 -2.57 4.07
CA LEU A 55 26.86 -3.87 4.30
C LEU A 55 25.45 -3.61 4.83
N ALA A 56 25.33 -3.31 6.12
CA ALA A 56 24.06 -3.28 6.79
C ALA A 56 23.75 -1.96 7.52
N VAL A 57 24.76 -1.29 8.10
CA VAL A 57 24.43 -0.15 8.96
C VAL A 57 23.91 1.05 8.16
N PRO A 58 22.76 1.66 8.57
CA PRO A 58 22.14 2.76 7.82
C PRO A 58 22.93 4.05 7.97
N PHE A 59 22.84 4.93 6.96
CA PHE A 59 23.42 6.27 7.06
C PHE A 59 22.67 6.99 8.18
N GLY A 60 23.43 7.58 9.11
CA GLY A 60 22.86 8.24 10.27
C GLY A 60 23.04 7.41 11.54
N TRP A 61 23.55 6.18 11.38
CA TRP A 61 23.80 5.27 12.49
C TRP A 61 24.91 5.83 13.39
N THR A 62 26.11 6.01 12.81
CA THR A 62 27.28 6.51 13.50
C THR A 62 27.34 8.02 13.29
N GLN A 63 27.45 8.74 14.42
CA GLN A 63 27.45 10.19 14.46
C GLN A 63 28.48 10.78 13.49
N ARG A 64 29.72 10.31 13.60
CA ARG A 64 30.88 10.96 12.98
C ARG A 64 31.09 10.52 11.52
N LYS A 65 30.21 9.67 10.99
CA LYS A 65 30.34 9.16 9.63
C LYS A 65 29.43 9.96 8.68
N THR A 66 29.99 10.39 7.55
CA THR A 66 29.28 11.24 6.62
C THR A 66 28.83 10.46 5.39
N ARG A 67 27.80 10.99 4.71
CA ARG A 67 27.53 10.73 3.31
C ARG A 67 28.18 11.84 2.49
N ASN A 68 29.17 11.48 1.66
CA ASN A 68 29.81 12.40 0.75
C ASN A 68 30.35 13.63 1.47
N GLY A 69 30.83 13.45 2.70
CA GLY A 69 31.49 14.54 3.39
C GLY A 69 30.55 15.40 4.24
N PHE A 70 29.28 14.97 4.37
CA PHE A 70 28.28 15.67 5.18
C PHE A 70 27.54 14.67 6.05
N ARG A 71 27.06 15.15 7.20
CA ARG A 71 26.18 14.40 8.09
C ARG A 71 24.76 14.45 7.54
N VAL A 72 24.03 13.35 7.71
CA VAL A 72 22.68 13.28 7.23
C VAL A 72 21.82 14.03 8.25
N PRO A 73 20.81 14.82 7.82
CA PRO A 73 19.95 15.53 8.77
C PRO A 73 19.17 14.47 9.53
N LEU A 74 18.65 14.82 10.72
CA LEU A 74 17.67 13.95 11.37
C LEU A 74 16.38 13.88 10.55
N ALA A 75 15.80 12.67 10.49
CA ALA A 75 14.49 12.41 9.91
C ALA A 75 13.46 13.46 10.35
N ARG A 76 13.19 13.53 11.66
CA ARG A 76 12.19 14.38 12.28
C ARG A 76 12.43 15.88 11.99
N GLU A 77 13.69 16.25 11.74
CA GLU A 77 14.00 17.64 11.46
C GLU A 77 13.59 17.95 10.02
N VAL A 78 13.96 17.06 9.09
CA VAL A 78 13.49 17.15 7.72
C VAL A 78 11.97 17.24 7.73
N SER A 79 11.34 16.40 8.58
CA SER A 79 9.90 16.39 8.75
C SER A 79 9.40 17.77 9.19
N ASN A 80 10.02 18.34 10.23
CA ASN A 80 9.55 19.58 10.83
C ASN A 80 9.78 20.74 9.87
N LYS A 81 10.97 20.81 9.29
CA LYS A 81 11.34 21.95 8.48
C LYS A 81 10.60 21.91 7.13
N ILE A 82 10.44 20.74 6.52
CA ILE A 82 9.97 20.69 5.13
C ILE A 82 8.54 20.13 4.98
N VAL A 83 8.20 19.11 5.76
CA VAL A 83 7.07 18.27 5.39
C VAL A 83 5.79 18.79 6.05
N GLY A 84 5.93 19.44 7.21
CA GLY A 84 4.78 19.85 8.00
C GLY A 84 4.15 21.16 7.56
N TYR A 85 2.86 21.35 7.89
CA TYR A 85 2.13 22.58 7.61
C TYR A 85 0.92 22.71 8.54
N LEU A 86 0.48 23.96 8.77
CA LEU A 86 -0.60 24.28 9.69
C LEU A 86 -1.97 24.30 9.00
N ASP A 87 -2.03 24.90 7.80
CA ASP A 87 -3.29 25.38 7.22
C ASP A 87 -3.92 24.37 6.25
N GLU A 88 -5.01 23.73 6.69
CA GLU A 88 -5.70 22.71 5.91
C GLU A 88 -6.66 23.31 4.86
N GLU A 89 -6.80 24.64 4.82
CA GLU A 89 -7.59 25.23 3.76
C GLU A 89 -6.73 25.22 2.48
N GLY A 90 -7.36 24.96 1.32
CA GLY A 90 -6.68 25.04 0.03
C GLY A 90 -6.01 23.74 -0.43
N VAL A 91 -5.98 22.70 0.43
CA VAL A 91 -5.10 21.58 0.16
C VAL A 91 -5.77 20.49 -0.68
N LEU A 92 -7.09 20.60 -0.87
CA LEU A 92 -7.86 19.51 -1.47
C LEU A 92 -7.70 19.50 -2.99
N ASP A 93 -7.72 18.30 -3.56
CA ASP A 93 -7.50 18.06 -4.97
C ASP A 93 -8.83 18.22 -5.71
N GLN A 94 -8.90 19.21 -6.60
CA GLN A 94 -10.13 19.53 -7.31
C GLN A 94 -10.57 18.39 -8.24
N ASN A 95 -9.63 17.58 -8.76
CA ASN A 95 -9.99 16.55 -9.72
C ASN A 95 -9.72 15.10 -9.26
N ARG A 96 -9.37 14.88 -7.97
CA ARG A 96 -9.29 13.52 -7.43
C ARG A 96 -10.19 13.28 -6.21
N SER A 97 -11.10 12.31 -6.30
CA SER A 97 -11.88 11.85 -5.16
C SER A 97 -10.95 11.28 -4.09
N LEU A 98 -11.46 11.14 -2.85
CA LEU A 98 -10.73 10.51 -1.76
C LEU A 98 -10.48 9.02 -2.08
N LEU A 99 -11.31 8.47 -2.97
CA LEU A 99 -11.09 7.09 -3.41
C LEU A 99 -9.73 6.92 -4.08
N PHE A 100 -9.31 7.93 -4.86
CA PHE A 100 -8.00 7.99 -5.51
C PHE A 100 -6.89 7.61 -4.54
N MET A 101 -6.80 8.34 -3.42
CA MET A 101 -5.89 8.04 -2.32
C MET A 101 -6.06 6.58 -1.93
N GLN A 102 -7.31 6.19 -1.62
CA GLN A 102 -7.59 4.89 -1.01
C GLN A 102 -7.01 3.73 -1.82
N TRP A 103 -7.20 3.80 -3.14
CA TRP A 103 -6.90 2.71 -4.07
C TRP A 103 -5.38 2.53 -4.18
N GLY A 104 -4.66 3.66 -4.22
CA GLY A 104 -3.22 3.64 -4.04
C GLY A 104 -2.81 2.72 -2.89
N GLN A 105 -3.43 2.90 -1.70
CA GLN A 105 -3.07 2.14 -0.51
C GLN A 105 -3.41 0.66 -0.67
N ILE A 106 -4.57 0.38 -1.28
CA ILE A 106 -5.00 -0.97 -1.61
C ILE A 106 -3.95 -1.63 -2.51
N VAL A 107 -3.68 -0.99 -3.66
CA VAL A 107 -2.72 -1.52 -4.62
C VAL A 107 -1.36 -1.71 -3.96
N ASP A 108 -0.92 -0.72 -3.17
CA ASP A 108 0.36 -0.82 -2.49
C ASP A 108 0.39 -2.08 -1.65
N HIS A 109 -0.67 -2.29 -0.86
CA HIS A 109 -0.71 -3.36 0.11
C HIS A 109 -0.68 -4.72 -0.61
N ASP A 110 -1.24 -4.76 -1.82
CA ASP A 110 -1.21 -5.97 -2.62
C ASP A 110 0.23 -6.31 -2.99
N LEU A 111 1.06 -5.28 -3.20
CA LEU A 111 2.34 -5.41 -3.88
C LEU A 111 3.51 -5.66 -2.92
N ASP A 112 3.55 -4.96 -1.80
CA ASP A 112 4.74 -4.98 -0.97
C ASP A 112 4.39 -4.84 0.52
N PHE A 113 5.26 -5.44 1.34
CA PHE A 113 5.29 -5.29 2.77
C PHE A 113 6.71 -5.65 3.16
N ALA A 114 7.32 -4.83 4.03
CA ALA A 114 8.62 -5.13 4.62
C ALA A 114 8.46 -4.94 6.12
N PRO A 115 7.83 -5.89 6.85
CA PRO A 115 7.57 -5.72 8.28
C PRO A 115 8.87 -5.65 9.09
N GLU A 116 8.75 -5.14 10.33
CA GLU A 116 9.87 -5.00 11.25
C GLU A 116 10.43 -6.36 11.61
N THR A 117 11.66 -6.35 12.15
CA THR A 117 12.25 -7.47 12.86
C THR A 117 11.36 -7.80 14.08
N GLU A 118 10.93 -9.06 14.20
CA GLU A 118 10.02 -9.50 15.24
C GLU A 118 10.80 -10.14 16.40
N LEU A 119 11.89 -9.48 16.82
CA LEU A 119 12.94 -10.09 17.61
C LEU A 119 12.69 -9.96 19.13
N GLY A 120 11.77 -9.07 19.53
CA GLY A 120 11.61 -8.70 20.93
C GLY A 120 10.44 -9.39 21.63
N SER A 121 10.32 -10.71 21.42
CA SER A 121 9.33 -11.58 22.05
C SER A 121 9.99 -12.40 23.16
N SER A 122 9.49 -12.23 24.40
CA SER A 122 10.18 -12.71 25.59
C SER A 122 11.46 -11.90 25.73
N GLU A 123 11.36 -10.59 25.44
CA GLU A 123 12.48 -9.67 25.41
C GLU A 123 11.97 -8.24 25.57
N HIS A 124 12.54 -7.51 26.54
CA HIS A 124 12.12 -6.17 26.88
C HIS A 124 12.64 -5.15 25.87
N SER A 125 13.53 -5.57 24.96
CA SER A 125 14.31 -4.68 24.11
C SER A 125 13.44 -3.85 23.14
N LYS A 126 12.17 -4.26 22.95
CA LYS A 126 11.25 -3.49 22.13
C LYS A 126 10.60 -2.36 22.95
N VAL A 127 10.84 -2.36 24.26
CA VAL A 127 10.39 -1.32 25.19
C VAL A 127 11.62 -0.58 25.70
N GLN A 128 12.72 -1.33 25.90
CA GLN A 128 14.02 -0.71 26.16
C GLN A 128 14.29 0.34 25.08
N CYS A 129 14.06 -0.04 23.81
CA CYS A 129 14.10 0.89 22.69
C CYS A 129 13.11 2.04 22.91
N GLU A 130 11.87 1.69 23.32
CA GLU A 130 10.76 2.63 23.38
C GLU A 130 11.06 3.80 24.31
N GLU A 131 11.30 3.51 25.60
CA GLU A 131 11.29 4.53 26.63
C GLU A 131 12.69 4.94 27.11
N TYR A 132 13.74 4.22 26.66
CA TYR A 132 15.12 4.59 26.99
C TYR A 132 15.84 5.23 25.80
N CYS A 133 15.36 4.96 24.57
CA CYS A 133 15.81 5.55 23.31
C CYS A 133 17.27 5.20 23.03
N ILE A 134 17.67 3.93 23.26
CA ILE A 134 19.04 3.49 23.12
C ILE A 134 19.19 2.73 21.81
N GLN A 135 19.97 3.31 20.88
CA GLN A 135 20.24 2.72 19.57
C GLN A 135 20.85 1.33 19.75
N GLY A 136 20.08 0.30 19.35
CA GLY A 136 20.36 -1.10 19.61
C GLY A 136 20.62 -1.77 18.28
N ASP A 137 20.60 -3.12 18.24
CA ASP A 137 20.84 -3.90 17.02
C ASP A 137 19.81 -3.69 15.91
N ASN A 138 18.53 -3.82 16.27
CA ASN A 138 17.42 -3.59 15.34
C ASN A 138 16.58 -2.44 15.88
N CYS A 139 17.02 -1.83 16.99
CA CYS A 139 16.41 -0.61 17.50
C CYS A 139 17.17 0.61 16.99
N PHE A 140 16.46 1.46 16.23
CA PHE A 140 17.04 2.56 15.47
C PHE A 140 16.19 3.80 15.70
N PRO A 141 16.18 4.34 16.93
CA PRO A 141 15.13 5.27 17.35
C PRO A 141 15.32 6.62 16.68
N ILE A 142 14.19 7.28 16.37
CA ILE A 142 14.17 8.57 15.70
C ILE A 142 14.26 9.66 16.76
N MET A 143 15.43 10.32 16.84
CA MET A 143 15.70 11.34 17.82
C MET A 143 15.04 12.67 17.42
N PHE A 144 14.39 13.34 18.39
CA PHE A 144 13.82 14.67 18.15
C PHE A 144 14.93 15.70 18.06
N PRO A 145 14.83 16.70 17.13
CA PRO A 145 15.75 17.84 17.09
C PRO A 145 15.50 18.75 18.30
N LYS A 146 16.37 19.75 18.52
CA LYS A 146 16.50 20.46 19.81
C LYS A 146 15.40 21.50 20.06
N ASN A 147 14.56 21.79 19.05
CA ASN A 147 13.56 22.85 19.13
C ASN A 147 12.17 22.26 18.87
N ASP A 148 12.05 20.95 19.11
CA ASP A 148 10.89 20.16 18.73
C ASP A 148 9.85 20.11 19.85
N PRO A 149 8.58 20.54 19.57
CA PRO A 149 7.48 20.35 20.51
C PRO A 149 7.35 18.97 21.19
N LYS A 150 7.75 17.90 20.51
CA LYS A 150 7.57 16.54 21.01
C LYS A 150 8.60 16.20 22.08
N LEU A 151 9.70 16.96 22.12
CA LEU A 151 10.70 16.84 23.17
C LEU A 151 10.03 17.15 24.52
N LYS A 152 9.15 18.15 24.51
CA LYS A 152 8.59 18.71 25.73
C LYS A 152 7.55 17.75 26.30
N THR A 153 6.77 17.09 25.43
CA THR A 153 5.60 16.34 25.88
C THR A 153 5.86 14.83 25.87
N GLN A 154 6.63 14.35 24.91
CA GLN A 154 6.66 12.95 24.54
C GLN A 154 8.07 12.45 24.37
N GLY A 155 8.91 12.51 25.41
CA GLY A 155 10.25 11.91 25.43
C GLY A 155 11.39 12.56 24.62
N LYS A 156 12.38 11.72 24.26
CA LYS A 156 13.57 12.17 23.54
C LYS A 156 13.58 11.64 22.10
N CYS A 157 12.79 10.58 21.85
CA CYS A 157 12.75 9.92 20.55
C CYS A 157 11.34 9.42 20.23
N MET A 158 11.15 9.08 18.95
CA MET A 158 10.10 8.19 18.52
C MET A 158 10.75 6.84 18.24
N PRO A 159 10.16 5.74 18.73
CA PRO A 159 10.78 4.42 18.58
C PRO A 159 10.70 3.97 17.12
N PHE A 160 11.58 3.06 16.74
CA PHE A 160 11.69 2.59 15.38
C PHE A 160 12.51 1.31 15.52
N PHE A 161 12.26 0.35 14.61
CA PHE A 161 12.91 -0.94 14.60
C PHE A 161 13.12 -1.28 13.14
N ARG A 162 14.33 -1.73 12.81
CA ARG A 162 14.72 -1.98 11.43
C ARG A 162 13.88 -3.12 10.85
N ALA A 163 13.69 -3.10 9.52
CA ALA A 163 12.94 -4.10 8.79
C ALA A 163 13.71 -5.42 8.76
N GLY A 164 12.98 -6.54 8.65
CA GLY A 164 13.57 -7.86 8.54
C GLY A 164 14.35 -8.04 7.24
N PHE A 165 15.22 -9.06 7.23
CA PHE A 165 16.12 -9.32 6.11
C PHE A 165 16.35 -10.83 5.98
N VAL A 166 16.77 -11.27 4.79
CA VAL A 166 16.85 -12.69 4.46
C VAL A 166 18.02 -13.31 5.20
N CYS A 167 18.08 -14.65 5.21
CA CYS A 167 19.05 -15.44 5.97
C CYS A 167 18.99 -15.10 7.48
N PRO A 168 17.83 -15.25 8.15
CA PRO A 168 17.48 -14.54 9.38
C PRO A 168 18.33 -13.50 10.12
N THR A 169 17.75 -13.00 11.23
CA THR A 169 18.12 -11.77 11.90
C THR A 169 19.49 -11.83 12.59
N PRO A 170 19.84 -12.88 13.38
CA PRO A 170 21.05 -12.83 14.21
C PRO A 170 22.46 -12.67 13.65
N PRO A 171 22.93 -13.43 12.61
CA PRO A 171 24.31 -13.29 12.15
C PRO A 171 24.43 -12.26 11.02
N TYR A 172 25.67 -12.00 10.58
CA TYR A 172 25.87 -11.12 9.43
C TYR A 172 25.24 -11.79 8.22
N GLN A 173 24.44 -11.03 7.45
CA GLN A 173 23.83 -11.56 6.23
C GLN A 173 24.91 -11.68 5.16
N SER A 174 24.81 -12.71 4.30
CA SER A 174 25.73 -12.84 3.18
C SER A 174 25.64 -11.58 2.34
N LEU A 175 26.78 -11.06 1.86
CA LEU A 175 26.87 -9.82 1.07
C LEU A 175 26.26 -8.63 1.80
N ALA A 176 25.43 -7.84 1.08
CA ALA A 176 24.78 -6.66 1.65
C ALA A 176 23.44 -7.05 2.27
N ARG A 177 22.82 -6.12 2.98
CA ARG A 177 21.62 -6.40 3.73
C ARG A 177 20.44 -6.09 2.83
N ASP A 178 19.67 -7.12 2.61
CA ASP A 178 18.54 -6.92 1.74
C ASP A 178 17.29 -7.23 2.57
N GLN A 179 16.18 -6.44 2.45
CA GLN A 179 14.92 -6.52 3.20
C GLN A 179 13.89 -7.42 2.48
N ILE A 180 12.95 -7.98 3.24
CA ILE A 180 12.00 -8.99 2.76
C ILE A 180 10.75 -8.30 2.23
N ASN A 181 10.22 -8.79 1.09
CA ASN A 181 8.86 -8.51 0.68
C ASN A 181 7.98 -9.69 1.08
N SER A 182 7.16 -9.47 2.12
CA SER A 182 6.40 -10.50 2.82
C SER A 182 5.08 -10.80 2.11
N VAL A 183 4.79 -10.11 1.00
CA VAL A 183 3.65 -10.47 0.16
C VAL A 183 4.13 -10.68 -1.27
N THR A 184 3.24 -11.22 -2.12
CA THR A 184 3.55 -11.55 -3.49
C THR A 184 3.61 -10.28 -4.35
N SER A 185 4.65 -10.18 -5.23
CA SER A 185 4.95 -9.02 -6.07
C SER A 185 3.92 -8.82 -7.18
N PHE A 186 2.98 -9.77 -7.33
CA PHE A 186 2.00 -9.78 -8.41
C PHE A 186 0.73 -9.09 -7.95
N LEU A 187 0.04 -8.42 -8.89
CA LEU A 187 -1.23 -7.76 -8.64
C LEU A 187 -2.33 -8.81 -8.67
N ASP A 188 -2.47 -9.51 -7.54
CA ASP A 188 -3.11 -10.81 -7.49
C ASP A 188 -4.15 -10.88 -6.38
N ALA A 189 -4.45 -9.74 -5.77
CA ALA A 189 -5.44 -9.66 -4.70
C ALA A 189 -4.96 -10.39 -3.44
N SER A 190 -3.63 -10.51 -3.27
CA SER A 190 -3.11 -11.20 -2.11
C SER A 190 -3.59 -10.57 -0.80
N LEU A 191 -3.89 -9.27 -0.84
CA LEU A 191 -4.32 -8.55 0.34
C LEU A 191 -5.70 -9.05 0.78
N VAL A 192 -6.37 -9.79 -0.11
CA VAL A 192 -7.70 -10.33 0.18
C VAL A 192 -7.58 -11.78 0.64
N TYR A 193 -6.68 -12.56 0.02
CA TYR A 193 -6.65 -14.01 0.20
C TYR A 193 -5.48 -14.46 1.08
N GLY A 194 -4.46 -13.61 1.22
CA GLY A 194 -3.26 -13.94 1.98
C GLY A 194 -2.11 -14.29 1.05
N SER A 195 -0.89 -14.41 1.63
CA SER A 195 0.34 -14.73 0.93
C SER A 195 1.05 -15.96 1.52
N GLU A 196 0.56 -16.44 2.68
CA GLU A 196 0.98 -17.71 3.25
C GLU A 196 -0.22 -18.66 3.30
N PRO A 197 -0.01 -19.98 3.18
CA PRO A 197 -1.10 -20.97 3.20
C PRO A 197 -1.94 -20.97 4.48
N SER A 198 -1.28 -20.67 5.60
N SER A 198 -1.28 -20.68 5.60
CA SER A 198 -1.88 -20.58 6.92
CA SER A 198 -1.92 -20.60 6.91
C SER A 198 -3.05 -19.60 6.90
C SER A 198 -3.06 -19.60 6.90
N LEU A 199 -2.74 -18.33 6.58
CA LEU A 199 -3.74 -17.28 6.51
C LEU A 199 -4.77 -17.63 5.44
N ALA A 200 -4.28 -18.05 4.26
CA ALA A 200 -5.12 -18.36 3.12
C ALA A 200 -6.25 -19.30 3.52
N SER A 201 -5.92 -20.36 4.26
CA SER A 201 -6.89 -21.36 4.68
C SER A 201 -7.78 -20.83 5.81
N ARG A 202 -7.17 -20.13 6.78
CA ARG A 202 -7.87 -19.61 7.94
C ARG A 202 -8.89 -18.53 7.55
N LEU A 203 -8.77 -18.00 6.32
CA LEU A 203 -9.64 -16.92 5.85
C LEU A 203 -10.89 -17.46 5.19
N ARG A 204 -10.93 -18.77 4.87
CA ARG A 204 -11.99 -19.36 4.06
C ARG A 204 -13.06 -20.01 4.93
N ASN A 205 -14.30 -20.04 4.42
CA ASN A 205 -15.39 -20.84 4.97
C ASN A 205 -15.31 -22.24 4.37
N LEU A 206 -14.53 -23.12 5.02
CA LEU A 206 -14.38 -24.52 4.63
C LEU A 206 -15.50 -25.38 5.19
N SER A 207 -16.28 -24.84 6.14
CA SER A 207 -17.43 -25.46 6.78
C SER A 207 -18.59 -25.57 5.80
N SER A 208 -18.89 -24.46 5.12
CA SER A 208 -19.76 -24.45 3.96
C SER A 208 -18.89 -24.80 2.75
N PRO A 209 -19.16 -25.92 2.04
CA PRO A 209 -18.36 -26.29 0.88
C PRO A 209 -18.86 -25.60 -0.40
N LEU A 210 -19.00 -24.26 -0.32
CA LEU A 210 -19.43 -23.45 -1.45
C LEU A 210 -18.38 -22.38 -1.79
N GLY A 211 -17.13 -22.58 -1.34
CA GLY A 211 -15.99 -21.80 -1.80
C GLY A 211 -16.07 -20.32 -1.43
N LEU A 212 -16.74 -20.04 -0.30
CA LEU A 212 -16.92 -18.68 0.19
C LEU A 212 -15.76 -18.34 1.12
N MET A 213 -15.47 -17.03 1.22
CA MET A 213 -14.53 -16.50 2.19
C MET A 213 -15.27 -16.29 3.50
N ALA A 214 -14.69 -16.79 4.60
CA ALA A 214 -15.32 -16.75 5.91
C ALA A 214 -15.67 -15.31 6.28
N VAL A 215 -16.88 -15.11 6.81
CA VAL A 215 -17.36 -13.78 7.19
C VAL A 215 -17.52 -13.70 8.70
N ASN A 216 -18.07 -12.57 9.16
CA ASN A 216 -18.25 -12.30 10.57
C ASN A 216 -19.60 -12.87 11.03
N GLN A 217 -19.55 -13.59 12.15
CA GLN A 217 -20.73 -14.22 12.73
C GLN A 217 -21.23 -13.43 13.96
N GLU A 218 -20.64 -12.25 14.21
CA GLU A 218 -20.99 -11.43 15.37
C GLU A 218 -21.71 -10.11 15.01
N ALA A 219 -21.60 -9.64 13.75
CA ALA A 219 -22.16 -8.35 13.36
C ALA A 219 -22.36 -8.29 11.85
N TRP A 220 -23.38 -7.53 11.43
CA TRP A 220 -23.74 -7.42 10.02
C TRP A 220 -24.01 -5.96 9.63
N ASP A 221 -24.11 -5.72 8.31
CA ASP A 221 -24.32 -4.42 7.69
C ASP A 221 -25.51 -4.53 6.74
N HIS A 222 -26.72 -4.44 7.31
CA HIS A 222 -27.97 -4.51 6.56
C HIS A 222 -28.01 -5.74 5.66
N GLY A 223 -27.56 -6.87 6.23
CA GLY A 223 -27.60 -8.16 5.55
C GLY A 223 -26.36 -8.44 4.68
N LEU A 224 -25.34 -7.57 4.80
CA LEU A 224 -24.09 -7.77 4.07
C LEU A 224 -22.94 -8.02 5.05
N ALA A 225 -21.91 -8.71 4.56
CA ALA A 225 -20.86 -9.29 5.37
C ALA A 225 -19.93 -8.22 5.94
N TYR A 226 -19.27 -8.57 7.05
CA TYR A 226 -18.09 -7.87 7.54
C TYR A 226 -16.91 -8.81 7.47
N PRO A 227 -15.64 -8.31 7.53
CA PRO A 227 -14.52 -9.21 7.68
C PRO A 227 -14.59 -9.81 9.08
N PRO A 228 -14.18 -11.08 9.26
CA PRO A 228 -14.06 -11.69 10.58
C PRO A 228 -13.06 -10.95 11.46
N PHE A 229 -13.21 -11.05 12.78
CA PHE A 229 -12.31 -10.36 13.68
C PHE A 229 -11.03 -11.18 13.87
N ASN A 230 -9.88 -10.51 13.92
CA ASN A 230 -8.66 -11.17 14.36
C ASN A 230 -8.49 -11.14 15.88
N ASN A 231 -8.78 -12.27 16.53
CA ASN A 231 -8.72 -12.36 17.96
C ASN A 231 -7.29 -12.81 18.32
N MET A 232 -6.40 -11.83 18.50
CA MET A 232 -5.02 -12.08 18.90
C MET A 232 -4.67 -10.95 19.85
N LYS A 233 -4.41 -11.24 21.13
CA LYS A 233 -4.19 -10.15 22.05
C LYS A 233 -2.71 -9.79 22.06
N PRO A 234 -2.33 -8.49 22.09
CA PRO A 234 -3.29 -7.38 22.09
C PRO A 234 -3.75 -6.97 20.69
N SER A 235 -4.97 -6.44 20.62
CA SER A 235 -5.60 -5.89 19.43
C SER A 235 -5.58 -4.36 19.55
N PRO A 236 -4.92 -3.63 18.61
CA PRO A 236 -4.86 -2.17 18.69
C PRO A 236 -6.21 -1.51 18.46
N CYS A 237 -7.10 -2.21 17.77
CA CYS A 237 -8.44 -1.71 17.55
C CYS A 237 -9.25 -1.81 18.85
N GLU A 238 -8.92 -2.79 19.70
CA GLU A 238 -9.45 -2.83 21.06
C GLU A 238 -8.86 -1.68 21.87
N PHE A 239 -7.55 -1.44 21.71
CA PHE A 239 -6.80 -0.50 22.53
C PHE A 239 -7.37 0.92 22.44
N ILE A 240 -7.90 1.30 21.27
CA ILE A 240 -8.27 2.69 21.02
C ILE A 240 -9.60 3.06 21.68
N ASN A 241 -10.55 2.11 21.77
CA ASN A 241 -11.74 2.25 22.60
C ASN A 241 -11.76 0.97 23.43
N THR A 242 -11.58 1.09 24.75
CA THR A 242 -11.55 -0.08 25.63
C THR A 242 -13.00 -0.44 25.94
N THR A 243 -13.88 0.57 25.84
CA THR A 243 -15.31 0.44 26.10
C THR A 243 -15.99 -0.36 25.00
N ALA A 244 -15.67 -0.04 23.74
CA ALA A 244 -16.32 -0.69 22.61
C ALA A 244 -15.80 -2.12 22.45
N ARG A 245 -14.49 -2.33 22.66
CA ARG A 245 -13.80 -3.62 22.56
C ARG A 245 -14.06 -4.35 21.25
N VAL A 246 -14.03 -3.58 20.15
CA VAL A 246 -14.17 -4.12 18.80
C VAL A 246 -12.80 -4.38 18.17
N PRO A 247 -12.39 -5.66 18.00
CA PRO A 247 -11.03 -5.98 17.55
C PRO A 247 -10.82 -5.64 16.07
N CYS A 248 -9.55 -5.68 15.64
CA CYS A 248 -9.22 -5.43 14.25
C CYS A 248 -9.78 -6.56 13.39
N PHE A 249 -9.95 -6.28 12.09
CA PHE A 249 -10.48 -7.25 11.15
C PHE A 249 -9.36 -8.17 10.68
N GLN A 250 -9.74 -9.13 9.89
CA GLN A 250 -8.90 -10.25 9.60
C GLN A 250 -8.92 -10.28 8.08
N ALA A 251 -7.78 -10.17 7.41
CA ALA A 251 -7.87 -10.08 5.95
C ALA A 251 -6.60 -10.74 5.50
N GLY A 252 -6.42 -10.87 4.17
CA GLY A 252 -5.21 -11.47 3.59
C GLY A 252 -3.95 -10.62 3.79
N ASP A 253 -4.13 -9.37 4.21
CA ASP A 253 -3.02 -8.48 4.55
C ASP A 253 -3.17 -8.02 5.99
N SER A 254 -2.06 -8.07 6.75
CA SER A 254 -2.02 -7.61 8.14
C SER A 254 -2.58 -6.20 8.35
N ARG A 255 -2.33 -5.26 7.42
CA ARG A 255 -2.52 -3.85 7.73
C ARG A 255 -3.94 -3.35 7.42
N ALA A 256 -4.90 -4.27 7.25
CA ALA A 256 -6.24 -3.93 6.78
C ALA A 256 -6.93 -2.87 7.66
N SER A 257 -6.53 -2.75 8.93
CA SER A 257 -7.29 -1.94 9.88
C SER A 257 -6.54 -0.68 10.28
N GLU A 258 -5.39 -0.44 9.63
CA GLU A 258 -4.61 0.74 9.94
C GLU A 258 -5.51 1.97 9.99
N GLN A 259 -6.39 2.15 9.01
CA GLN A 259 -7.41 3.19 9.07
C GLN A 259 -8.73 2.68 8.49
N ILE A 260 -9.81 3.29 8.97
CA ILE A 260 -11.20 2.91 8.72
C ILE A 260 -11.53 2.74 7.23
N LEU A 261 -11.04 3.65 6.37
CA LEU A 261 -11.41 3.59 4.96
C LEU A 261 -10.73 2.44 4.24
N LEU A 262 -9.56 1.98 4.75
CA LEU A 262 -8.87 0.84 4.15
C LEU A 262 -9.62 -0.43 4.55
N ALA A 263 -10.05 -0.50 5.81
CA ALA A 263 -10.87 -1.60 6.31
C ALA A 263 -12.14 -1.69 5.48
N THR A 264 -12.72 -0.50 5.21
CA THR A 264 -13.88 -0.33 4.36
C THR A 264 -13.61 -0.93 2.98
N VAL A 265 -12.54 -0.50 2.31
CA VAL A 265 -12.33 -1.00 0.96
C VAL A 265 -11.98 -2.49 1.01
N HIS A 266 -11.38 -2.94 2.10
CA HIS A 266 -11.14 -4.36 2.27
C HIS A 266 -12.47 -5.12 2.32
N THR A 267 -13.49 -4.48 2.93
CA THR A 267 -14.82 -5.06 3.12
C THR A 267 -15.55 -5.16 1.79
N LEU A 268 -15.36 -4.18 0.90
CA LEU A 268 -15.96 -4.27 -0.43
C LEU A 268 -15.39 -5.48 -1.18
N LEU A 269 -14.05 -5.60 -1.15
CA LEU A 269 -13.36 -6.63 -1.90
C LEU A 269 -13.79 -8.03 -1.46
N LEU A 270 -13.79 -8.27 -0.15
CA LEU A 270 -14.27 -9.55 0.38
C LEU A 270 -15.66 -9.86 -0.15
N ARG A 271 -16.57 -8.87 -0.11
CA ARG A 271 -17.96 -9.05 -0.51
C ARG A 271 -18.06 -9.47 -1.97
N GLU A 272 -17.31 -8.80 -2.85
CA GLU A 272 -17.34 -9.10 -4.26
C GLU A 272 -17.00 -10.57 -4.50
N HIS A 273 -16.11 -11.13 -3.65
CA HIS A 273 -15.71 -12.52 -3.80
C HIS A 273 -16.88 -13.47 -3.50
N ASN A 274 -17.46 -13.31 -2.31
CA ASN A 274 -18.64 -14.04 -1.89
C ASN A 274 -19.75 -13.89 -2.94
N ARG A 275 -19.96 -12.65 -3.41
CA ARG A 275 -20.97 -12.34 -4.42
C ARG A 275 -20.69 -13.12 -5.72
N LEU A 276 -19.41 -13.38 -5.99
CA LEU A 276 -18.96 -14.04 -7.22
C LEU A 276 -18.99 -15.55 -7.09
N ALA A 277 -18.78 -16.06 -5.86
CA ALA A 277 -18.80 -17.49 -5.60
C ALA A 277 -20.23 -18.02 -5.51
N ARG A 278 -21.13 -17.18 -4.99
CA ARG A 278 -22.54 -17.50 -4.85
C ARG A 278 -23.20 -17.63 -6.23
N GLU A 279 -22.83 -16.73 -7.15
CA GLU A 279 -23.31 -16.79 -8.52
C GLU A 279 -22.73 -18.00 -9.25
N LEU A 280 -21.40 -18.19 -9.16
CA LEU A 280 -20.73 -19.30 -9.82
C LEU A 280 -21.44 -20.62 -9.51
N LYS A 281 -21.87 -20.80 -8.26
CA LYS A 281 -22.66 -21.95 -7.87
C LYS A 281 -23.90 -22.07 -8.76
N ARG A 282 -24.69 -21.00 -8.90
CA ARG A 282 -25.92 -21.08 -9.68
C ARG A 282 -25.64 -21.57 -11.10
N LEU A 283 -24.64 -20.97 -11.75
CA LEU A 283 -24.36 -21.27 -13.14
C LEU A 283 -23.69 -22.65 -13.24
N ASN A 284 -22.87 -22.99 -12.24
CA ASN A 284 -22.15 -24.25 -12.18
C ASN A 284 -22.42 -24.97 -10.84
N PRO A 285 -23.57 -25.70 -10.68
CA PRO A 285 -23.91 -26.34 -9.41
C PRO A 285 -23.07 -27.57 -9.10
N HIS A 286 -22.27 -27.99 -10.08
CA HIS A 286 -21.49 -29.21 -10.03
C HIS A 286 -20.08 -28.95 -9.51
N TRP A 287 -19.69 -27.67 -9.38
CA TRP A 287 -18.35 -27.27 -8.95
C TRP A 287 -18.16 -27.48 -7.46
N ASP A 288 -16.97 -28.00 -7.11
CA ASP A 288 -16.58 -28.29 -5.74
C ASP A 288 -16.19 -26.98 -5.03
N GLY A 289 -16.01 -27.07 -3.72
CA GLY A 289 -15.67 -25.92 -2.89
C GLY A 289 -14.54 -25.07 -3.47
N GLU A 290 -13.38 -25.72 -3.71
CA GLU A 290 -12.18 -24.99 -4.07
C GLU A 290 -12.29 -24.39 -5.47
N LYS A 291 -13.00 -25.08 -6.39
CA LYS A 291 -13.18 -24.57 -7.75
C LYS A 291 -13.92 -23.23 -7.72
N LEU A 292 -14.94 -23.14 -6.85
CA LEU A 292 -15.71 -21.91 -6.66
C LEU A 292 -14.80 -20.82 -6.12
N TYR A 293 -14.05 -21.14 -5.06
CA TYR A 293 -13.07 -20.25 -4.45
C TYR A 293 -12.03 -19.78 -5.47
N GLN A 294 -11.31 -20.73 -6.06
CA GLN A 294 -10.23 -20.45 -7.00
C GLN A 294 -10.74 -19.60 -8.17
N GLU A 295 -11.92 -19.94 -8.70
CA GLU A 295 -12.43 -19.34 -9.92
C GLU A 295 -12.96 -17.92 -9.67
N ALA A 296 -13.39 -17.65 -8.43
CA ALA A 296 -13.82 -16.33 -7.99
C ALA A 296 -12.62 -15.44 -7.69
N ARG A 297 -11.55 -16.07 -7.16
CA ARG A 297 -10.29 -15.43 -6.82
C ARG A 297 -9.62 -14.85 -8.06
N LYS A 298 -9.69 -15.57 -9.18
CA LYS A 298 -9.05 -15.12 -10.42
C LYS A 298 -9.83 -13.95 -11.03
N ILE A 299 -11.17 -14.00 -10.92
CA ILE A 299 -12.03 -12.91 -11.37
C ILE A 299 -11.68 -11.64 -10.61
N LEU A 300 -11.34 -11.78 -9.31
CA LEU A 300 -11.09 -10.65 -8.41
C LEU A 300 -9.69 -10.08 -8.65
N GLY A 301 -8.70 -10.96 -8.79
CA GLY A 301 -7.35 -10.53 -9.13
C GLY A 301 -7.31 -9.76 -10.45
N ALA A 302 -8.13 -10.22 -11.40
CA ALA A 302 -8.31 -9.59 -12.71
C ALA A 302 -8.96 -8.22 -12.56
N PHE A 303 -9.96 -8.15 -11.67
CA PHE A 303 -10.69 -6.91 -11.40
C PHE A 303 -9.72 -5.84 -10.92
N ILE A 304 -8.83 -6.21 -9.97
CA ILE A 304 -7.89 -5.29 -9.36
C ILE A 304 -6.89 -4.82 -10.41
N GLN A 305 -6.59 -5.70 -11.36
CA GLN A 305 -5.60 -5.42 -12.39
C GLN A 305 -6.14 -4.34 -13.34
N ILE A 306 -7.45 -4.41 -13.63
CA ILE A 306 -8.11 -3.54 -14.59
C ILE A 306 -8.28 -2.15 -13.97
N ILE A 307 -8.86 -2.08 -12.77
CA ILE A 307 -9.04 -0.80 -12.12
C ILE A 307 -7.70 -0.07 -12.01
N THR A 308 -6.67 -0.78 -11.54
CA THR A 308 -5.35 -0.21 -11.32
C THR A 308 -4.78 0.31 -12.65
N PHE A 309 -4.76 -0.56 -13.67
CA PHE A 309 -4.04 -0.27 -14.89
C PHE A 309 -4.84 0.61 -15.84
N ARG A 310 -6.17 0.45 -15.88
CA ARG A 310 -7.01 1.21 -16.78
C ARG A 310 -7.36 2.58 -16.18
N ASP A 311 -7.69 2.60 -14.88
CA ASP A 311 -8.31 3.76 -14.26
C ASP A 311 -7.34 4.53 -13.36
N TYR A 312 -6.46 3.82 -12.63
CA TYR A 312 -5.63 4.41 -11.59
C TYR A 312 -4.31 4.92 -12.15
N LEU A 313 -3.54 4.04 -12.83
CA LEU A 313 -2.20 4.41 -13.27
C LEU A 313 -2.18 5.59 -14.25
N PRO A 314 -3.11 5.72 -15.23
CA PRO A 314 -3.18 6.91 -16.09
C PRO A 314 -3.30 8.26 -15.38
N ILE A 315 -4.05 8.29 -14.28
CA ILE A 315 -4.23 9.53 -13.53
C ILE A 315 -3.13 9.72 -12.48
N VAL A 316 -2.32 8.68 -12.24
CA VAL A 316 -1.08 8.88 -11.47
C VAL A 316 0.00 9.39 -12.42
N LEU A 317 0.20 8.73 -13.57
CA LEU A 317 1.37 8.97 -14.39
C LEU A 317 1.13 10.07 -15.43
N GLY A 318 -0.11 10.17 -15.94
CA GLY A 318 -0.44 11.18 -16.93
C GLY A 318 0.38 11.04 -18.21
N SER A 319 1.17 12.07 -18.53
CA SER A 319 1.94 12.13 -19.76
C SER A 319 2.94 10.97 -19.82
N GLU A 320 3.51 10.64 -18.66
CA GLU A 320 4.58 9.65 -18.54
C GLU A 320 4.03 8.24 -18.72
N MET A 321 2.71 8.07 -18.61
CA MET A 321 2.06 6.77 -18.70
C MET A 321 2.60 5.94 -19.85
N GLN A 322 2.61 6.51 -21.08
CA GLN A 322 2.85 5.70 -22.26
C GLN A 322 4.35 5.45 -22.44
N LYS A 323 5.16 6.39 -21.94
CA LYS A 323 6.61 6.31 -21.92
C LYS A 323 7.13 5.09 -21.13
N TRP A 324 6.37 4.63 -20.11
CA TRP A 324 6.82 3.60 -19.17
C TRP A 324 5.98 2.32 -19.22
N ILE A 325 4.68 2.46 -19.53
CA ILE A 325 3.75 1.35 -19.58
C ILE A 325 3.09 1.35 -20.95
N PRO A 326 3.83 0.91 -22.01
CA PRO A 326 3.26 0.81 -23.35
C PRO A 326 2.16 -0.26 -23.32
N ARG A 327 1.20 -0.22 -24.26
CA ARG A 327 0.06 -1.13 -24.15
C ARG A 327 0.54 -2.58 -24.23
N TYR A 328 -0.25 -3.51 -23.68
CA TYR A 328 0.12 -4.91 -23.45
C TYR A 328 0.45 -5.61 -24.77
N GLN A 329 1.52 -6.44 -24.74
CA GLN A 329 2.04 -7.23 -25.84
C GLN A 329 2.29 -8.68 -25.39
N GLY A 330 1.71 -9.08 -24.23
CA GLY A 330 1.80 -10.44 -23.72
C GLY A 330 2.90 -10.67 -22.70
N TYR A 331 2.79 -11.79 -21.97
CA TYR A 331 3.75 -12.26 -20.99
C TYR A 331 5.14 -12.39 -21.62
N ASN A 332 6.13 -11.84 -20.92
CA ASN A 332 7.56 -11.99 -21.19
C ASN A 332 8.18 -12.70 -19.98
N ASN A 333 8.76 -13.88 -20.20
CA ASN A 333 9.27 -14.70 -19.10
C ASN A 333 10.60 -14.15 -18.57
N SER A 334 11.22 -13.25 -19.35
CA SER A 334 12.54 -12.70 -19.05
C SER A 334 12.43 -11.45 -18.20
N VAL A 335 11.19 -10.98 -17.97
CA VAL A 335 10.95 -9.81 -17.14
C VAL A 335 11.12 -10.30 -15.71
N ASP A 336 11.57 -9.38 -14.84
CA ASP A 336 11.71 -9.58 -13.42
C ASP A 336 10.44 -9.01 -12.81
N PRO A 337 9.53 -9.85 -12.28
CA PRO A 337 8.24 -9.36 -11.78
C PRO A 337 8.30 -8.96 -10.32
N ARG A 338 9.48 -9.08 -9.69
CA ARG A 338 9.69 -8.76 -8.28
C ARG A 338 9.60 -7.25 -8.03
N ILE A 339 9.01 -6.90 -6.88
CA ILE A 339 8.98 -5.51 -6.43
C ILE A 339 10.38 -5.12 -5.95
N SER A 340 10.88 -4.01 -6.48
CA SER A 340 12.13 -3.39 -6.09
C SER A 340 11.96 -2.70 -4.73
N ASN A 341 13.07 -2.62 -3.99
CA ASN A 341 13.10 -2.01 -2.67
C ASN A 341 12.65 -0.55 -2.81
N VAL A 342 13.05 0.10 -3.90
CA VAL A 342 12.86 1.54 -4.04
C VAL A 342 11.39 1.85 -4.32
N PHE A 343 10.66 0.92 -4.92
CA PHE A 343 9.26 1.10 -5.23
C PHE A 343 8.46 1.28 -3.93
N THR A 344 8.83 0.56 -2.87
CA THR A 344 8.11 0.60 -1.61
C THR A 344 8.27 1.97 -0.93
N PHE A 345 9.16 2.81 -1.50
CA PHE A 345 9.32 4.20 -1.10
C PHE A 345 8.70 5.15 -2.13
N ALA A 346 8.87 4.85 -3.42
CA ALA A 346 8.27 5.64 -4.49
C ALA A 346 6.77 5.72 -4.30
N PHE A 347 6.16 4.62 -3.86
CA PHE A 347 4.72 4.55 -3.73
C PHE A 347 4.25 5.17 -2.42
N ARG A 348 5.15 5.79 -1.65
CA ARG A 348 4.71 6.44 -0.42
C ARG A 348 4.21 7.85 -0.74
N PHE A 349 4.15 8.17 -2.03
CA PHE A 349 3.68 9.47 -2.48
C PHE A 349 2.26 9.71 -1.96
N GLY A 350 1.57 8.60 -1.73
CA GLY A 350 0.21 8.59 -1.23
C GLY A 350 0.08 9.33 0.08
N HIS A 351 1.15 9.29 0.89
CA HIS A 351 1.18 9.92 2.20
C HIS A 351 0.76 11.40 2.11
N MET A 352 0.96 12.02 0.94
CA MET A 352 0.70 13.44 0.76
C MET A 352 -0.67 13.65 0.12
N GLU A 353 -1.35 12.53 -0.19
CA GLU A 353 -2.68 12.56 -0.75
C GLU A 353 -3.74 12.38 0.33
N VAL A 354 -3.31 12.15 1.57
CA VAL A 354 -4.21 11.83 2.68
C VAL A 354 -4.66 13.14 3.35
N PRO A 355 -5.98 13.42 3.43
CA PRO A 355 -6.45 14.64 4.08
C PRO A 355 -6.73 14.38 5.55
N SER A 356 -7.00 15.48 6.29
CA SER A 356 -7.00 15.52 7.74
C SER A 356 -8.32 15.04 8.36
N THR A 357 -9.36 14.83 7.51
CA THR A 357 -10.70 14.44 7.96
C THR A 357 -11.31 13.35 7.08
N VAL A 358 -12.24 12.57 7.66
CA VAL A 358 -13.09 11.62 6.98
C VAL A 358 -14.57 11.88 7.33
N SER A 359 -15.45 11.82 6.32
CA SER A 359 -16.87 12.12 6.46
C SER A 359 -17.72 10.86 6.31
N ARG A 360 -18.91 10.91 6.92
CA ARG A 360 -19.99 9.95 6.70
C ARG A 360 -21.16 10.70 6.08
N LEU A 361 -21.68 10.18 4.95
CA LEU A 361 -22.74 10.82 4.19
C LEU A 361 -23.95 9.89 4.08
N ASP A 362 -25.16 10.49 4.01
CA ASP A 362 -26.41 9.73 3.90
C ASP A 362 -26.80 9.67 2.42
N GLU A 363 -27.97 9.08 2.14
CA GLU A 363 -28.45 8.84 0.78
C GLU A 363 -28.56 10.14 -0.02
N ASN A 364 -28.72 11.28 0.66
CA ASN A 364 -28.75 12.60 0.03
C ASN A 364 -27.33 13.14 -0.15
N TYR A 365 -26.33 12.39 0.38
CA TYR A 365 -24.92 12.77 0.41
C TYR A 365 -24.71 13.96 1.33
N GLN A 366 -25.51 14.02 2.40
CA GLN A 366 -25.41 15.12 3.36
C GLN A 366 -24.61 14.62 4.57
N PRO A 367 -24.18 15.51 5.49
CA PRO A 367 -23.54 15.05 6.71
C PRO A 367 -24.47 14.06 7.37
N ARG A 368 -24.02 12.80 7.44
CA ARG A 368 -24.78 11.74 8.10
C ARG A 368 -24.37 11.75 9.57
N GLY A 369 -25.36 11.94 10.44
CA GLY A 369 -25.11 12.08 11.87
C GLY A 369 -24.62 13.47 12.23
N PRO A 370 -24.65 13.83 13.53
CA PRO A 370 -24.19 15.14 13.98
C PRO A 370 -22.67 15.27 13.80
N GLU A 371 -21.93 14.26 14.29
CA GLU A 371 -20.49 14.20 14.16
C GLU A 371 -20.13 13.43 12.89
N ALA A 372 -20.41 14.06 11.74
CA ALA A 372 -20.38 13.43 10.43
C ALA A 372 -18.94 13.25 9.97
N GLU A 373 -18.17 14.35 10.00
CA GLU A 373 -16.77 14.33 9.65
C GLU A 373 -15.93 14.25 10.91
N LEU A 374 -14.83 13.47 10.84
CA LEU A 374 -14.01 13.19 12.01
C LEU A 374 -12.55 13.41 11.65
N PRO A 375 -11.66 13.75 12.62
CA PRO A 375 -10.23 13.84 12.36
C PRO A 375 -9.70 12.44 12.01
N LEU A 376 -8.85 12.38 10.97
CA LEU A 376 -8.25 11.15 10.48
C LEU A 376 -7.60 10.37 11.62
N HIS A 377 -6.99 11.09 12.59
CA HIS A 377 -6.22 10.41 13.62
C HIS A 377 -7.08 9.53 14.53
N THR A 378 -8.32 9.95 14.81
CA THR A 378 -9.23 9.18 15.66
C THR A 378 -9.68 7.90 14.97
N LEU A 379 -9.24 7.70 13.71
CA LEU A 379 -9.70 6.60 12.86
C LEU A 379 -8.58 5.58 12.61
N PHE A 380 -7.36 5.84 13.08
CA PHE A 380 -6.34 4.81 13.06
C PHE A 380 -6.77 3.62 13.94
N PHE A 381 -6.87 2.44 13.34
CA PHE A 381 -7.15 1.19 14.05
C PHE A 381 -8.53 1.21 14.72
N ASN A 382 -9.48 1.89 14.06
CA ASN A 382 -10.83 2.12 14.54
C ASN A 382 -11.76 1.26 13.69
N THR A 383 -12.22 0.13 14.25
CA THR A 383 -13.20 -0.72 13.58
C THR A 383 -14.60 -0.45 14.15
N TRP A 384 -14.65 0.11 15.37
CA TRP A 384 -15.91 0.29 16.09
C TRP A 384 -16.84 1.28 15.38
N ARG A 385 -16.26 2.30 14.74
CA ARG A 385 -17.04 3.27 13.99
C ARG A 385 -17.59 2.65 12.70
N ILE A 386 -17.17 1.43 12.35
CA ILE A 386 -17.85 0.72 11.27
C ILE A 386 -19.03 -0.07 11.85
N ILE A 387 -18.75 -0.91 12.86
CA ILE A 387 -19.68 -1.85 13.46
C ILE A 387 -20.81 -1.09 14.15
N LYS A 388 -20.44 -0.11 14.99
CA LYS A 388 -21.39 0.47 15.93
C LYS A 388 -22.05 1.73 15.39
N ASP A 389 -21.47 2.34 14.35
CA ASP A 389 -21.97 3.57 13.76
C ASP A 389 -22.03 3.32 12.25
N GLY A 390 -23.21 3.00 11.69
CA GLY A 390 -23.50 3.22 10.27
C GLY A 390 -23.07 2.18 9.22
N GLY A 391 -22.19 1.20 9.53
CA GLY A 391 -21.72 0.27 8.51
C GLY A 391 -20.74 0.95 7.53
N ILE A 392 -20.47 0.34 6.37
CA ILE A 392 -19.50 0.90 5.43
C ILE A 392 -20.15 1.85 4.43
N ASP A 393 -21.48 1.79 4.29
CA ASP A 393 -22.20 2.50 3.24
C ASP A 393 -21.93 4.01 3.32
N PRO A 394 -22.11 4.67 4.51
CA PRO A 394 -21.79 6.09 4.65
C PRO A 394 -20.34 6.47 4.38
N LEU A 395 -19.42 5.53 4.68
CA LEU A 395 -18.00 5.75 4.48
C LEU A 395 -17.69 5.75 2.99
N VAL A 396 -18.25 4.76 2.26
CA VAL A 396 -18.06 4.63 0.83
C VAL A 396 -18.55 5.87 0.10
N ARG A 397 -19.57 6.56 0.64
CA ARG A 397 -20.09 7.76 0.02
C ARG A 397 -19.11 8.91 0.20
N GLY A 398 -18.50 9.00 1.37
CA GLY A 398 -17.42 9.94 1.62
C GLY A 398 -16.28 9.78 0.60
N LEU A 399 -15.87 8.54 0.35
CA LEU A 399 -14.83 8.18 -0.61
C LEU A 399 -15.16 8.68 -2.02
N LEU A 400 -16.46 8.84 -2.31
CA LEU A 400 -16.93 9.25 -3.63
C LEU A 400 -17.03 10.76 -3.75
N ALA A 401 -17.53 11.41 -2.68
CA ALA A 401 -18.04 12.78 -2.72
C ALA A 401 -17.05 13.76 -2.11
N LYS A 402 -15.97 13.22 -1.51
CA LYS A 402 -14.94 14.06 -0.92
C LYS A 402 -13.68 13.98 -1.78
N LYS A 403 -12.69 14.83 -1.48
CA LYS A 403 -11.49 14.91 -2.31
C LYS A 403 -10.28 14.39 -1.53
N SER A 404 -9.33 13.80 -2.25
CA SER A 404 -7.99 13.51 -1.75
C SER A 404 -7.32 14.83 -1.44
N LYS A 405 -6.30 14.79 -0.56
CA LYS A 405 -5.40 15.91 -0.46
C LYS A 405 -4.58 16.00 -1.74
N LEU A 406 -4.46 17.22 -2.29
CA LEU A 406 -3.51 17.49 -3.33
C LEU A 406 -2.13 17.63 -2.68
N MET A 407 -1.11 17.06 -3.33
CA MET A 407 0.24 17.28 -2.87
C MET A 407 0.64 18.73 -3.18
N ASN A 408 1.44 19.30 -2.28
CA ASN A 408 1.76 20.71 -2.25
C ASN A 408 3.16 20.86 -1.65
N GLN A 409 4.02 21.63 -2.34
CA GLN A 409 5.41 21.75 -1.94
C GLN A 409 5.54 22.41 -0.56
N ASN A 410 4.52 23.18 -0.18
CA ASN A 410 4.58 23.93 1.07
C ASN A 410 3.71 23.24 2.12
N LYS A 411 2.85 22.32 1.65
CA LYS A 411 1.99 21.52 2.52
C LYS A 411 2.05 20.06 2.07
N MET A 412 3.00 19.27 2.61
CA MET A 412 3.31 17.94 2.08
C MET A 412 2.53 16.79 2.74
N VAL A 413 2.47 16.78 4.06
CA VAL A 413 1.91 15.66 4.81
C VAL A 413 1.18 16.26 5.99
N THR A 414 -0.10 15.90 6.14
CA THR A 414 -0.93 16.44 7.21
C THR A 414 -0.37 16.03 8.56
N SER A 415 -0.55 16.92 9.55
CA SER A 415 -0.22 16.65 10.94
C SER A 415 -0.89 15.37 11.44
N GLU A 416 -2.08 15.07 10.90
CA GLU A 416 -2.81 13.87 11.29
C GLU A 416 -1.89 12.65 11.14
N LEU A 417 -1.01 12.68 10.12
CA LEU A 417 0.00 11.65 9.95
C LEU A 417 1.35 12.10 10.51
N ARG A 418 1.65 13.40 10.37
CA ARG A 418 3.00 13.86 10.66
C ARG A 418 3.23 13.80 12.18
N ASN A 419 2.24 14.22 12.97
CA ASN A 419 2.43 14.31 14.41
C ASN A 419 1.57 13.39 15.26
N LYS A 420 0.55 12.72 14.67
CA LYS A 420 -0.51 12.12 15.46
C LYS A 420 -0.72 10.65 15.11
N LEU A 421 0.20 10.06 14.34
CA LEU A 421 0.05 8.68 13.90
C LEU A 421 0.01 7.75 15.10
N PHE A 422 -0.89 6.75 15.03
CA PHE A 422 -0.92 5.67 15.98
C PHE A 422 -0.23 4.44 15.39
N GLN A 423 0.66 3.86 16.20
CA GLN A 423 1.38 2.62 15.90
C GLN A 423 1.09 1.59 16.98
N PRO A 424 0.69 0.34 16.65
CA PRO A 424 0.51 -0.71 17.67
C PRO A 424 1.63 -0.83 18.72
N THR A 425 1.22 -1.01 19.98
CA THR A 425 2.06 -1.24 21.15
C THR A 425 2.73 0.05 21.66
N HIS A 426 2.34 1.20 21.09
CA HIS A 426 3.00 2.46 21.40
C HIS A 426 2.06 3.55 21.96
N LYS A 427 0.82 3.16 22.29
CA LYS A 427 -0.03 3.86 23.25
C LYS A 427 -0.57 5.20 22.74
N ILE A 428 0.31 6.09 22.24
CA ILE A 428 -0.04 7.48 22.00
C ILE A 428 -0.34 7.74 20.52
N HIS A 429 -1.31 8.64 20.26
CA HIS A 429 -1.48 9.19 18.92
C HIS A 429 -0.45 10.29 18.75
N GLY A 430 0.80 9.90 18.46
CA GLY A 430 1.91 10.82 18.66
C GLY A 430 3.08 10.65 17.71
N PHE A 431 2.89 9.94 16.58
CA PHE A 431 4.01 9.62 15.72
C PHE A 431 3.93 10.37 14.39
N ASP A 432 4.97 10.17 13.57
CA ASP A 432 5.23 10.90 12.32
C ASP A 432 5.52 9.92 11.17
N LEU A 433 4.55 9.77 10.27
CA LEU A 433 4.73 8.90 9.10
C LEU A 433 5.87 9.40 8.21
N ALA A 434 6.05 10.73 8.15
CA ALA A 434 7.09 11.35 7.34
C ALA A 434 8.47 10.95 7.88
N ALA A 435 8.70 11.19 9.17
CA ALA A 435 9.97 10.87 9.81
C ALA A 435 10.28 9.40 9.64
N ILE A 436 9.28 8.54 9.88
CA ILE A 436 9.39 7.10 9.75
C ILE A 436 9.86 6.76 8.33
N ASN A 437 9.26 7.40 7.31
CA ASN A 437 9.56 7.09 5.92
C ASN A 437 11.01 7.43 5.64
N LEU A 438 11.49 8.54 6.21
CA LEU A 438 12.86 8.94 5.95
C LEU A 438 13.83 7.95 6.60
N GLN A 439 13.53 7.52 7.83
CA GLN A 439 14.38 6.60 8.56
C GLN A 439 14.41 5.24 7.85
N ARG A 440 13.28 4.85 7.27
CA ARG A 440 13.13 3.62 6.52
C ARG A 440 14.04 3.62 5.28
N CYS A 441 14.17 4.78 4.59
CA CYS A 441 15.01 4.86 3.39
C CYS A 441 16.42 4.44 3.76
N ARG A 442 16.87 4.92 4.92
CA ARG A 442 18.23 4.71 5.39
C ARG A 442 18.39 3.27 5.84
N ASP A 443 17.45 2.80 6.69
CA ASP A 443 17.30 1.43 7.13
C ASP A 443 17.48 0.47 5.95
N HIS A 444 16.90 0.82 4.80
CA HIS A 444 16.85 -0.04 3.64
C HIS A 444 18.07 0.16 2.72
N GLY A 445 19.04 0.96 3.16
CA GLY A 445 20.23 1.27 2.36
C GLY A 445 19.92 1.92 1.01
N MET A 446 19.00 2.87 1.00
CA MET A 446 18.59 3.49 -0.26
C MET A 446 19.71 4.36 -0.82
N PRO A 447 20.01 4.29 -2.14
CA PRO A 447 20.75 5.35 -2.82
C PRO A 447 20.03 6.69 -2.68
N GLY A 448 20.77 7.78 -2.90
CA GLY A 448 20.25 9.13 -2.73
C GLY A 448 19.55 9.61 -4.00
N TYR A 449 19.01 10.84 -3.95
CA TYR A 449 18.17 11.43 -4.98
C TYR A 449 18.85 11.37 -6.35
N ASN A 450 20.13 11.72 -6.41
CA ASN A 450 20.83 11.91 -7.68
C ASN A 450 21.10 10.57 -8.36
N SER A 451 21.42 9.56 -7.54
CA SER A 451 21.56 8.18 -8.01
C SER A 451 20.31 7.81 -8.79
N TRP A 452 19.14 8.13 -8.20
CA TRP A 452 17.85 7.76 -8.76
C TRP A 452 17.50 8.62 -9.98
N ARG A 453 17.97 9.89 -10.00
CA ARG A 453 17.78 10.76 -11.15
C ARG A 453 18.61 10.25 -12.33
N GLY A 454 19.88 9.93 -12.07
CA GLY A 454 20.75 9.30 -13.05
C GLY A 454 20.11 8.04 -13.63
N PHE A 455 19.59 7.18 -12.74
CA PHE A 455 18.96 5.92 -13.11
C PHE A 455 17.81 6.11 -14.10
N CYS A 456 17.19 7.29 -14.10
CA CYS A 456 15.97 7.53 -14.87
C CYS A 456 16.24 8.44 -16.07
N GLY A 457 17.52 8.74 -16.31
CA GLY A 457 17.93 9.56 -17.45
C GLY A 457 17.47 11.00 -17.28
N LEU A 458 17.52 11.49 -16.03
CA LEU A 458 17.22 12.87 -15.67
C LEU A 458 18.49 13.48 -15.08
N SER A 459 18.51 14.81 -15.00
CA SER A 459 19.70 15.56 -14.62
C SER A 459 19.94 15.40 -13.12
N GLN A 460 21.20 15.59 -12.70
CA GLN A 460 21.57 15.47 -11.30
C GLN A 460 22.09 16.81 -10.81
N PRO A 461 21.23 17.62 -10.14
CA PRO A 461 21.64 18.92 -9.60
C PRO A 461 22.72 18.78 -8.53
N LYS A 462 23.68 19.73 -8.54
CA LYS A 462 24.80 19.75 -7.59
C LYS A 462 24.76 21.03 -6.76
N THR A 463 24.13 22.07 -7.30
CA THR A 463 24.12 23.39 -6.70
C THR A 463 22.71 23.69 -6.23
N LEU A 464 22.57 24.65 -5.31
CA LEU A 464 21.26 25.16 -4.93
C LEU A 464 20.48 25.64 -6.16
N LYS A 465 21.14 26.24 -7.15
CA LYS A 465 20.41 26.82 -8.27
C LYS A 465 19.93 25.70 -9.18
N GLY A 466 20.77 24.67 -9.33
CA GLY A 466 20.41 23.49 -10.11
C GLY A 466 19.13 22.87 -9.55
N LEU A 467 19.16 22.64 -8.22
CA LEU A 467 18.05 22.07 -7.48
C LEU A 467 16.81 22.96 -7.58
N GLN A 468 17.00 24.28 -7.44
CA GLN A 468 15.92 25.24 -7.61
C GLN A 468 15.24 25.02 -8.95
N ALA A 469 16.07 24.87 -10.00
CA ALA A 469 15.57 24.73 -11.37
C ALA A 469 14.75 23.45 -11.52
N VAL A 470 15.25 22.35 -10.93
CA VAL A 470 14.59 21.06 -11.02
C VAL A 470 13.25 21.11 -10.28
N LEU A 471 13.27 21.60 -9.03
CA LEU A 471 12.09 21.59 -8.17
C LEU A 471 11.12 22.68 -8.58
N LYS A 472 11.62 23.69 -9.31
CA LYS A 472 10.88 24.89 -9.65
C LYS A 472 10.42 25.65 -8.39
N ASN A 473 11.24 25.57 -7.34
CA ASN A 473 10.96 26.21 -6.07
C ASN A 473 12.27 26.69 -5.42
N LYS A 474 12.41 28.01 -5.26
CA LYS A 474 13.62 28.58 -4.67
C LYS A 474 13.73 28.17 -3.22
N ILE A 475 12.62 28.24 -2.48
CA ILE A 475 12.61 28.13 -1.02
C ILE A 475 12.76 26.67 -0.61
N LEU A 476 11.95 25.79 -1.21
CA LEU A 476 12.06 24.36 -0.95
C LEU A 476 13.49 23.90 -1.17
N ALA A 477 14.04 24.23 -2.36
CA ALA A 477 15.41 23.90 -2.70
C ALA A 477 16.36 24.36 -1.61
N LYS A 478 16.18 25.61 -1.16
CA LYS A 478 17.02 26.26 -0.17
C LYS A 478 16.98 25.50 1.15
N LYS A 479 15.77 25.07 1.55
CA LYS A 479 15.61 24.40 2.82
C LYS A 479 16.30 23.05 2.76
N LEU A 480 16.19 22.38 1.60
CA LEU A 480 16.78 21.07 1.41
C LEU A 480 18.31 21.14 1.41
N LEU A 481 18.88 22.17 0.76
CA LEU A 481 20.32 22.25 0.70
C LEU A 481 20.90 22.67 2.06
N ASP A 482 20.08 23.31 2.90
CA ASP A 482 20.50 23.67 4.24
C ASP A 482 20.54 22.42 5.11
N LEU A 483 19.70 21.44 4.78
CA LEU A 483 19.63 20.21 5.57
C LEU A 483 20.61 19.16 5.07
N TYR A 484 20.59 18.91 3.75
CA TYR A 484 21.33 17.82 3.13
C TYR A 484 22.66 18.26 2.52
N LYS A 485 22.86 19.59 2.39
CA LYS A 485 24.11 20.19 1.95
C LYS A 485 24.29 19.95 0.44
N THR A 486 24.12 18.69 0.02
CA THR A 486 24.19 18.29 -1.36
C THR A 486 22.94 17.49 -1.77
N PRO A 487 22.41 17.66 -3.00
CA PRO A 487 21.29 16.85 -3.45
C PRO A 487 21.64 15.36 -3.56
N ASP A 488 22.94 15.06 -3.70
CA ASP A 488 23.40 13.68 -3.69
C ASP A 488 22.90 12.96 -2.44
N ASN A 489 22.59 13.71 -1.37
CA ASN A 489 22.28 13.11 -0.09
C ASN A 489 20.78 13.15 0.24
N ILE A 490 19.99 13.93 -0.53
CA ILE A 490 18.56 14.00 -0.30
C ILE A 490 17.98 12.59 -0.34
N ASP A 491 17.29 12.20 0.74
CA ASP A 491 16.58 10.93 0.83
C ASP A 491 15.59 10.85 -0.34
N ILE A 492 15.61 9.72 -1.06
CA ILE A 492 14.80 9.54 -2.25
C ILE A 492 13.35 9.96 -1.99
N TRP A 493 12.80 9.65 -0.80
CA TRP A 493 11.38 9.83 -0.57
C TRP A 493 11.01 11.29 -0.68
N ILE A 494 11.76 12.11 0.06
CA ILE A 494 11.48 13.54 0.06
C ILE A 494 11.94 14.15 -1.27
N GLY A 495 12.95 13.55 -1.89
CA GLY A 495 13.49 14.06 -3.15
C GLY A 495 12.54 13.82 -4.32
N GLY A 496 12.02 12.59 -4.41
CA GLY A 496 11.07 12.28 -5.47
C GLY A 496 9.79 13.09 -5.32
N ASN A 497 9.31 13.22 -4.09
CA ASN A 497 8.02 13.84 -3.79
C ASN A 497 8.07 15.36 -3.91
N ALA A 498 9.27 15.94 -3.84
CA ALA A 498 9.47 17.39 -3.92
C ALA A 498 9.24 17.89 -5.35
N GLU A 499 9.37 17.00 -6.33
CA GLU A 499 9.32 17.34 -7.74
C GLU A 499 7.89 17.70 -8.14
N PRO A 500 7.66 18.81 -8.88
CA PRO A 500 6.29 19.17 -9.29
C PRO A 500 5.69 18.06 -10.15
N MET A 501 4.35 17.99 -10.16
CA MET A 501 3.63 16.94 -10.87
C MET A 501 3.70 17.16 -12.38
N VAL A 502 4.01 16.07 -13.10
CA VAL A 502 3.94 16.01 -14.55
C VAL A 502 2.52 16.34 -14.99
N GLU A 503 2.37 16.75 -16.26
CA GLU A 503 1.07 17.08 -16.84
C GLU A 503 0.11 15.91 -16.70
N ARG A 504 -1.10 16.20 -16.20
CA ARG A 504 -2.25 15.31 -16.14
C ARG A 504 -2.01 14.12 -15.19
N GLY A 505 -0.95 14.20 -14.36
CA GLY A 505 -0.61 13.17 -13.39
C GLY A 505 -0.48 13.75 -11.98
N ARG A 506 -0.08 12.92 -11.01
CA ARG A 506 0.02 13.37 -9.63
C ARG A 506 1.39 13.12 -9.02
N VAL A 507 2.34 12.61 -9.81
CA VAL A 507 3.73 12.53 -9.35
C VAL A 507 4.65 13.28 -10.32
N GLY A 508 5.87 13.56 -9.85
CA GLY A 508 6.91 14.17 -10.66
C GLY A 508 7.56 13.17 -11.61
N PRO A 509 8.54 13.60 -12.43
CA PRO A 509 9.19 12.72 -13.40
C PRO A 509 9.93 11.53 -12.78
N LEU A 510 10.64 11.78 -11.67
CA LEU A 510 11.45 10.74 -11.06
C LEU A 510 10.56 9.60 -10.57
N LEU A 511 9.45 9.96 -9.93
CA LEU A 511 8.52 8.97 -9.39
C LEU A 511 7.79 8.29 -10.55
N ALA A 512 7.45 9.08 -11.58
CA ALA A 512 6.76 8.57 -12.75
C ALA A 512 7.62 7.48 -13.41
N CYS A 513 8.93 7.72 -13.49
CA CYS A 513 9.87 6.74 -14.00
C CYS A 513 9.91 5.51 -13.09
N LEU A 514 10.15 5.71 -11.78
CA LEU A 514 10.27 4.63 -10.81
C LEU A 514 8.99 3.77 -10.77
N LEU A 515 7.85 4.40 -10.46
CA LEU A 515 6.57 3.72 -10.47
C LEU A 515 6.36 3.00 -11.81
N GLY A 516 6.60 3.74 -12.90
CA GLY A 516 6.34 3.28 -14.26
C GLY A 516 6.98 1.93 -14.57
N ARG A 517 8.31 1.84 -14.42
CA ARG A 517 9.05 0.61 -14.63
C ARG A 517 8.44 -0.53 -13.81
N GLN A 518 8.17 -0.29 -12.52
CA GLN A 518 7.73 -1.32 -11.61
C GLN A 518 6.38 -1.89 -12.06
N PHE A 519 5.42 -1.01 -12.35
CA PHE A 519 4.09 -1.42 -12.81
C PHE A 519 4.07 -1.92 -14.25
N GLN A 520 5.07 -1.52 -15.04
CA GLN A 520 5.31 -2.12 -16.35
C GLN A 520 5.75 -3.57 -16.13
N GLN A 521 6.70 -3.75 -15.22
CA GLN A 521 7.35 -5.04 -14.97
C GLN A 521 6.37 -6.06 -14.37
N ILE A 522 5.54 -5.66 -13.40
CA ILE A 522 4.64 -6.62 -12.78
C ILE A 522 3.53 -7.05 -13.74
N ARG A 523 3.22 -6.22 -14.74
CA ARG A 523 2.29 -6.61 -15.79
C ARG A 523 2.96 -7.65 -16.69
N ASP A 524 4.12 -7.27 -17.25
CA ASP A 524 4.76 -8.06 -18.30
C ASP A 524 5.32 -9.39 -17.80
N GLY A 525 5.74 -9.45 -16.52
CA GLY A 525 6.35 -10.63 -15.92
C GLY A 525 5.36 -11.61 -15.28
N ASP A 526 4.05 -11.35 -15.42
CA ASP A 526 3.00 -12.09 -14.73
C ASP A 526 2.32 -13.07 -15.68
N ARG A 527 2.52 -14.38 -15.40
CA ARG A 527 2.07 -15.44 -16.29
C ARG A 527 0.55 -15.53 -16.28
N PHE A 528 -0.08 -14.95 -15.25
CA PHE A 528 -1.52 -15.00 -15.05
C PHE A 528 -2.15 -13.61 -15.19
N TRP A 529 -1.45 -12.66 -15.84
CA TRP A 529 -2.09 -11.41 -16.21
C TRP A 529 -3.42 -11.72 -16.88
N TRP A 530 -4.48 -11.03 -16.46
CA TRP A 530 -5.84 -11.30 -16.94
C TRP A 530 -5.91 -11.31 -18.47
N GLU A 531 -5.14 -10.41 -19.10
CA GLU A 531 -5.19 -10.18 -20.54
C GLU A 531 -4.15 -11.02 -21.27
N ASN A 532 -3.34 -11.78 -20.53
CA ASN A 532 -2.47 -12.77 -21.15
C ASN A 532 -3.34 -13.74 -21.94
N PRO A 533 -3.07 -13.96 -23.25
CA PRO A 533 -3.72 -15.04 -24.00
C PRO A 533 -3.70 -16.34 -23.20
N GLY A 534 -4.90 -16.89 -22.96
CA GLY A 534 -4.99 -18.23 -22.41
C GLY A 534 -5.53 -18.25 -20.98
N VAL A 535 -5.22 -17.18 -20.21
CA VAL A 535 -5.65 -17.07 -18.82
C VAL A 535 -7.17 -17.04 -18.79
N PHE A 536 -7.77 -16.17 -19.60
CA PHE A 536 -9.21 -16.10 -19.77
C PHE A 536 -9.58 -16.42 -21.21
N THR A 537 -10.86 -16.77 -21.42
CA THR A 537 -11.44 -16.99 -22.73
C THR A 537 -11.87 -15.64 -23.30
N GLU A 538 -11.82 -15.52 -24.64
CA GLU A 538 -12.24 -14.33 -25.35
C GLU A 538 -13.58 -13.81 -24.80
N LYS A 539 -14.55 -14.73 -24.68
CA LYS A 539 -15.90 -14.43 -24.19
C LYS A 539 -15.83 -13.85 -22.78
N GLN A 540 -14.89 -14.36 -21.96
CA GLN A 540 -14.68 -13.95 -20.58
C GLN A 540 -14.09 -12.54 -20.50
N ARG A 541 -13.07 -12.27 -21.32
CA ARG A 541 -12.33 -11.00 -21.34
C ARG A 541 -13.17 -9.82 -21.80
N ASP A 542 -14.21 -10.06 -22.62
CA ASP A 542 -15.12 -9.01 -23.04
C ASP A 542 -16.14 -8.72 -21.93
N SER A 543 -16.42 -9.74 -21.11
CA SER A 543 -17.20 -9.60 -19.87
C SER A 543 -16.39 -8.85 -18.81
N LEU A 544 -15.08 -9.13 -18.74
CA LEU A 544 -14.18 -8.57 -17.74
C LEU A 544 -13.90 -7.09 -18.04
N GLN A 545 -13.79 -6.75 -19.32
CA GLN A 545 -13.40 -5.41 -19.73
C GLN A 545 -14.38 -4.37 -19.18
N LYS A 546 -15.55 -4.81 -18.70
CA LYS A 546 -16.64 -3.91 -18.34
C LYS A 546 -16.67 -3.57 -16.85
N VAL A 547 -15.79 -4.19 -16.04
CA VAL A 547 -15.75 -3.97 -14.59
C VAL A 547 -15.61 -2.48 -14.33
N SER A 548 -16.14 -2.01 -13.19
CA SER A 548 -16.02 -0.62 -12.78
C SER A 548 -16.11 -0.54 -11.26
N PHE A 549 -15.35 0.39 -10.66
CA PHE A 549 -15.46 0.59 -9.22
C PHE A 549 -16.87 1.04 -8.87
N SER A 550 -17.47 1.85 -9.73
CA SER A 550 -18.88 2.17 -9.67
C SER A 550 -19.70 0.90 -9.38
N ARG A 551 -19.51 -0.14 -10.21
CA ARG A 551 -20.29 -1.37 -10.10
C ARG A 551 -20.00 -2.10 -8.79
N LEU A 552 -18.71 -2.23 -8.43
CA LEU A 552 -18.31 -2.91 -7.18
C LEU A 552 -19.07 -2.34 -5.98
N ILE A 553 -19.26 -1.00 -5.97
CA ILE A 553 -20.02 -0.33 -4.92
C ILE A 553 -21.48 -0.77 -4.96
N CYS A 554 -22.11 -0.71 -6.13
CA CYS A 554 -23.53 -1.04 -6.28
C CYS A 554 -23.80 -2.48 -5.84
N ASP A 555 -22.98 -3.42 -6.34
CA ASP A 555 -23.12 -4.84 -6.04
C ASP A 555 -23.02 -5.10 -4.54
N ASN A 556 -22.16 -4.35 -3.81
CA ASN A 556 -21.70 -4.77 -2.50
C ASN A 556 -22.01 -3.76 -1.39
N THR A 557 -22.98 -2.87 -1.62
CA THR A 557 -23.49 -1.94 -0.62
C THR A 557 -24.96 -1.73 -0.93
N HIS A 558 -25.61 -0.75 -0.29
CA HIS A 558 -26.99 -0.41 -0.62
C HIS A 558 -27.03 0.96 -1.32
N ILE A 559 -25.87 1.40 -1.81
CA ILE A 559 -25.68 2.69 -2.46
C ILE A 559 -26.09 2.58 -3.93
N THR A 560 -27.09 3.40 -4.32
CA THR A 560 -27.78 3.24 -5.58
C THR A 560 -27.51 4.42 -6.52
N LYS A 561 -26.64 5.35 -6.10
CA LYS A 561 -26.21 6.47 -6.95
C LYS A 561 -24.70 6.70 -6.83
N VAL A 562 -24.00 6.56 -7.97
CA VAL A 562 -22.54 6.54 -8.04
C VAL A 562 -22.08 7.36 -9.25
N PRO A 563 -20.81 7.81 -9.31
CA PRO A 563 -20.27 8.42 -10.52
C PRO A 563 -19.93 7.36 -11.57
N LEU A 564 -19.69 7.81 -12.80
CA LEU A 564 -19.23 6.94 -13.88
C LEU A 564 -17.74 6.64 -13.70
N HIS A 565 -17.01 7.61 -13.12
CA HIS A 565 -15.56 7.62 -13.03
C HIS A 565 -15.18 7.99 -11.59
N ALA A 566 -14.91 6.97 -10.77
CA ALA A 566 -14.96 7.13 -9.33
C ALA A 566 -13.73 7.84 -8.77
N PHE A 567 -12.68 7.97 -9.60
CA PHE A 567 -11.43 8.57 -9.15
C PHE A 567 -11.43 10.08 -9.37
N GLN A 568 -12.17 10.57 -10.37
CA GLN A 568 -12.34 12.01 -10.55
C GLN A 568 -13.08 12.58 -9.34
N ALA A 569 -12.90 13.88 -9.08
CA ALA A 569 -13.75 14.60 -8.12
C ALA A 569 -15.18 14.70 -8.66
N ASN A 570 -16.14 14.16 -7.90
CA ASN A 570 -17.53 14.05 -8.34
C ASN A 570 -18.46 14.59 -7.25
N ASN A 571 -19.40 15.45 -7.67
CA ASN A 571 -20.27 16.16 -6.76
C ASN A 571 -21.73 15.75 -6.99
N TYR A 572 -22.43 15.48 -5.88
CA TYR A 572 -23.82 15.04 -5.87
C TYR A 572 -24.76 16.24 -5.95
N PRO A 573 -25.85 16.19 -6.77
CA PRO A 573 -26.19 15.02 -7.58
C PRO A 573 -25.75 15.13 -9.04
N HIS A 574 -25.01 16.19 -9.34
CA HIS A 574 -24.70 16.62 -10.70
C HIS A 574 -24.01 15.50 -11.48
N ASP A 575 -23.13 14.74 -10.82
CA ASP A 575 -22.25 13.77 -11.47
C ASP A 575 -22.59 12.34 -11.05
N PHE A 576 -23.72 12.17 -10.35
CA PHE A 576 -24.17 10.88 -9.84
C PHE A 576 -25.32 10.38 -10.72
N VAL A 577 -25.36 9.05 -10.94
CA VAL A 577 -26.34 8.40 -11.79
C VAL A 577 -26.75 7.12 -11.07
N ASP A 578 -27.91 6.55 -11.43
CA ASP A 578 -28.39 5.36 -10.76
C ASP A 578 -27.52 4.17 -11.13
N CYS A 579 -27.63 3.07 -10.35
CA CYS A 579 -26.85 1.85 -10.51
C CYS A 579 -27.34 1.04 -11.71
N SER A 580 -28.48 1.45 -12.28
CA SER A 580 -29.09 0.75 -13.40
C SER A 580 -28.47 1.16 -14.74
N ALA A 581 -27.67 2.23 -14.75
CA ALA A 581 -27.08 2.77 -15.98
C ALA A 581 -25.63 2.30 -16.13
N ILE A 582 -25.18 1.42 -15.22
CA ILE A 582 -23.78 1.03 -15.09
C ILE A 582 -23.62 -0.47 -15.37
N ASP A 583 -22.66 -0.79 -16.25
CA ASP A 583 -22.43 -2.14 -16.76
C ASP A 583 -22.10 -3.09 -15.62
N LYS A 584 -22.90 -4.15 -15.48
CA LYS A 584 -22.62 -5.26 -14.58
C LYS A 584 -21.50 -6.11 -15.14
N LEU A 585 -20.99 -7.03 -14.30
CA LEU A 585 -20.11 -8.08 -14.77
C LEU A 585 -20.98 -9.28 -15.14
N ASP A 586 -21.03 -9.59 -16.44
CA ASP A 586 -21.77 -10.74 -16.92
C ASP A 586 -20.94 -11.99 -16.63
N LEU A 587 -21.52 -12.95 -15.91
CA LEU A 587 -20.80 -14.14 -15.46
C LEU A 587 -21.14 -15.35 -16.33
N SER A 588 -21.82 -15.09 -17.45
CA SER A 588 -22.31 -16.16 -18.32
C SER A 588 -21.17 -16.93 -18.97
N PRO A 589 -20.11 -16.28 -19.49
CA PRO A 589 -18.97 -17.00 -20.07
C PRO A 589 -18.30 -18.03 -19.18
N TRP A 590 -18.55 -17.98 -17.87
CA TRP A 590 -17.95 -18.89 -16.91
C TRP A 590 -18.74 -20.21 -16.80
N ALA A 591 -19.92 -20.25 -17.40
CA ALA A 591 -20.68 -21.50 -17.51
C ALA A 591 -19.86 -22.52 -18.29
N SER A 592 -19.58 -23.67 -17.67
CA SER A 592 -18.87 -24.77 -18.31
C SER A 592 -19.82 -25.60 -19.17
N ARG A 593 -19.47 -25.77 -20.46
CA ARG A 593 -20.25 -26.51 -21.44
C ARG A 593 -19.79 -27.96 -21.49
N GLU A 594 -20.43 -28.82 -20.68
CA GLU A 594 -19.94 -30.17 -20.39
C GLU A 594 -20.37 -31.21 -21.43
N ASN A 595 -21.68 -31.29 -21.69
CA ASN A 595 -22.23 -32.37 -22.51
C ASN A 595 -23.53 -31.89 -23.16
CHA HEM B . 3.87 2.30 4.61
CHB HEM B . 0.48 4.54 7.18
CHC HEM B . -1.84 5.75 3.05
CHD HEM B . 1.63 3.69 0.54
C1A HEM B . 3.16 2.81 5.66
C2A HEM B . 3.51 2.63 7.03
C3A HEM B . 2.55 3.25 7.75
C4A HEM B . 1.62 3.82 6.85
CMA HEM B . 2.56 3.31 9.25
CAA HEM B . 4.69 1.89 7.64
CBA HEM B . 5.87 2.82 7.53
CGA HEM B . 7.13 2.15 7.93
O1A HEM B . 8.19 2.26 7.26
O2A HEM B . 7.15 1.48 8.98
C1B HEM B . -0.47 5.00 6.23
C2B HEM B . -1.72 5.61 6.61
C3B HEM B . -2.39 5.94 5.47
C4B HEM B . -1.48 5.54 4.37
CMB HEM B . -2.21 5.85 8.01
CAB HEM B . -3.72 6.60 5.29
CBB HEM B . -4.44 7.16 6.28
C1C HEM B . -1.09 5.33 1.99
C2C HEM B . -1.38 5.55 0.64
C3C HEM B . -0.35 4.94 -0.09
C4C HEM B . 0.52 4.37 0.87
CMC HEM B . -2.57 6.32 0.10
CAC HEM B . -0.16 4.87 -1.55
CBC HEM B . -0.82 5.58 -2.46
C1D HEM B . 2.46 3.13 1.50
C2D HEM B . 3.54 2.25 1.07
C3D HEM B . 4.18 1.86 2.19
C4D HEM B . 3.47 2.50 3.32
CMD HEM B . 3.89 1.91 -0.35
CAD HEM B . 5.38 0.91 2.29
CBD HEM B . 4.79 -0.51 2.56
CGD HEM B . 5.86 -1.57 2.75
O1D HEM B . 6.13 -1.96 3.92
O2D HEM B . 6.47 -2.04 1.76
NA HEM B . 2.00 3.56 5.56
NB HEM B . -0.39 5.00 4.91
NC HEM B . 0.07 4.63 2.12
ND HEM B . 2.46 3.26 2.83
FE HEM B . 1.20 4.19 3.82
CA CA C . 0.29 -9.37 -4.37
C1 NAG D . 11.59 -9.24 -22.54
C2 NAG D . 11.62 -8.51 -23.90
C3 NAG D . 12.90 -7.71 -24.19
C4 NAG D . 13.48 -7.02 -22.95
C5 NAG D . 13.64 -8.06 -21.85
C6 NAG D . 14.39 -7.52 -20.62
C7 NAG D . 10.23 -9.70 -25.56
C8 NAG D . 10.13 -11.05 -26.21
N2 NAG D . 11.41 -9.47 -24.97
O3 NAG D . 12.57 -6.74 -25.19
O4 NAG D . 14.72 -6.36 -23.25
O5 NAG D . 12.34 -8.56 -21.51
O6 NAG D . 13.54 -7.54 -19.47
O7 NAG D . 9.31 -8.88 -25.57
C1 NAG E . -16.26 4.28 22.42
C2 NAG E . -16.36 5.83 22.39
C3 NAG E . -17.73 6.37 22.79
C4 NAG E . -18.90 5.64 22.13
C5 NAG E . -18.70 4.14 22.37
C6 NAG E . -19.73 3.31 21.61
C7 NAG E . -14.11 6.87 22.66
C8 NAG E . -13.16 7.62 23.58
N2 NAG E . -15.29 6.45 23.18
O3 NAG E . -17.71 7.73 22.36
O4 NAG E . -20.25 6.10 22.46
O5 NAG E . -17.43 3.71 21.85
O6 NAG E . -19.28 1.95 21.63
O7 NAG E . -13.81 6.67 21.50
I IOD F . -5.90 15.83 -14.21
I IOD G . -2.44 -16.92 10.34
I IOD H . -2.83 -19.52 10.90
I IOD I . 13.14 21.49 13.97
I IOD J . -12.19 6.54 -12.76
I IOD K . -15.85 -13.34 13.93
S SO4 L . -7.29 10.43 19.66
O1 SO4 L . -6.93 10.69 18.28
O2 SO4 L . -7.96 9.15 19.72
O3 SO4 L . -8.16 11.48 20.12
O4 SO4 L . -6.10 10.45 20.49
I 61D M . 0.11 0.33 7.12
O 61D M . 0.61 -0.12 9.16
I 61D N . -0.65 -2.58 11.22
O 61D N . -0.25 -0.61 10.52
I 61D O . -4.47 -6.99 14.98
O 61D O . -5.07 -8.00 16.77
I 61D P . -1.95 -2.39 20.88
O 61D P . -0.88 -0.76 21.77
I 61D Q . -5.82 -3.27 -18.30
O 61D Q . -3.89 -2.67 -18.91
I 61D R . -19.44 16.13 6.43
O 61D R . -20.25 16.52 4.49
I 61D S . -27.36 6.24 -2.18
O 61D S . -28.36 4.39 -1.84
I 61D T . 23.87 22.10 -11.14
O 61D T . 22.21 21.25 -12.17
I 61D U . -2.24 -22.81 -0.02
O 61D U . -3.69 -22.65 1.54
I 61D V . 2.48 -20.73 6.51
O 61D V . 4.61 -20.53 6.36
I 61D W . 16.30 -0.70 -5.21
O 61D W . 18.19 -0.66 -4.24
#